data_9H79
#
_entry.id   9H79
#
_cell.length_a   75.700
_cell.length_b   85.325
_cell.length_c   214.280
_cell.angle_alpha   90.00
_cell.angle_beta   90.00
_cell.angle_gamma   90.00
#
_symmetry.space_group_name_H-M   'P 21 21 21'
#
loop_
_entity.id
_entity.type
_entity.pdbx_description
1 polymer 'Thrombin light chain'
2 polymer Prothrombin
3 non-polymer ~{N}-[(3~{S})-4-[3-(2-azanyl-2-oxidanylidene-ethyl)sulfanylpropylamino]-3-[2-(3-chlorophenyl)ethanoylamino]-4-oxidanylidene-butyl]-5-chloranyl-thiophene-2-carboxamide
4 non-polymer 2-acetamido-2-deoxy-beta-D-glucopyranose
5 non-polymer 'SODIUM ION'
6 water water
#
loop_
_entity_poly.entity_id
_entity_poly.type
_entity_poly.pdbx_seq_one_letter_code
_entity_poly.pdbx_strand_id
1 'polypeptide(L)' TATSEYQTFFNPRTFGSGEADCGLRPLFEKKSLEDKTERELLESYIDGR A,C,E,G
2 'polypeptide(L)'
;IVEGSDAEIGMSPWQVMLFRKSPQELLCGASLISDRWVLTAAHCLLYPPWDKNFTENDLLVRIGKHSRTRYERNIEKISM
LEKIYIHPRYNWRENLDRDIALMKLKKPVAFSDYIHPVCLPDRETAASLLQAGYKGRVTGWGNLKETWTANVGKGQPSVL
QVVNLPIVERPVCKDSTRIRITDNMFCAGYKPDEGKRGDACEGDSGGPFVMKSPFNNRWYQMGIVSWGEGCDRDGKYGFY
THVFRLKKWIQKVIDQFGE
;
B,D,F,H
#
# COMPACT_ATOMS: atom_id res chain seq x y z
N GLU A 19 -29.61 -42.53 13.64
CA GLU A 19 -28.99 -42.51 12.32
C GLU A 19 -30.05 -42.57 11.22
N ALA A 20 -30.77 -43.69 11.14
CA ALA A 20 -31.97 -43.74 10.32
C ALA A 20 -33.10 -42.96 10.95
N ASP A 21 -33.03 -42.71 12.26
CA ASP A 21 -34.01 -41.93 12.99
C ASP A 21 -33.75 -40.43 12.91
N CYS A 22 -32.78 -39.98 12.12
CA CYS A 22 -32.44 -38.56 12.06
C CYS A 22 -33.67 -37.73 11.76
N GLY A 23 -33.63 -36.47 12.20
CA GLY A 23 -34.70 -35.53 11.94
C GLY A 23 -35.98 -35.77 12.71
N LEU A 24 -36.06 -36.82 13.52
CA LEU A 24 -37.26 -37.14 14.29
C LEU A 24 -36.93 -36.95 15.76
N ARG A 25 -37.38 -35.83 16.32
CA ARG A 25 -36.94 -35.40 17.63
C ARG A 25 -37.56 -36.26 18.72
N PRO A 26 -36.76 -36.73 19.68
CA PRO A 26 -37.27 -37.58 20.77
C PRO A 26 -38.47 -36.99 21.50
N LEU A 27 -38.51 -35.67 21.64
CA LEU A 27 -39.47 -35.01 22.50
C LEU A 27 -40.62 -34.34 21.76
N PHE A 28 -40.71 -34.53 20.43
CA PHE A 28 -41.82 -33.99 19.68
C PHE A 28 -42.37 -35.01 18.68
N GLU A 29 -41.65 -35.22 17.57
CA GLU A 29 -42.08 -36.19 16.56
C GLU A 29 -42.31 -37.57 17.18
N LYS A 30 -41.32 -38.09 17.91
CA LYS A 30 -41.47 -39.40 18.51
C LYS A 30 -42.61 -39.43 19.54
N LYS A 31 -42.90 -38.30 20.16
CA LYS A 31 -43.97 -38.20 21.14
C LYS A 31 -45.26 -37.61 20.55
N SER A 32 -45.36 -37.54 19.22
CA SER A 32 -46.46 -36.89 18.52
C SER A 32 -46.78 -35.54 19.14
N LEU A 33 -45.79 -34.66 19.09
CA LEU A 33 -45.89 -33.33 19.66
C LEU A 33 -45.35 -32.31 18.67
N GLU A 34 -45.83 -31.08 18.81
CA GLU A 34 -45.56 -30.01 17.87
C GLU A 34 -44.97 -28.83 18.62
N ASP A 35 -43.75 -28.43 18.26
CA ASP A 35 -43.21 -27.22 18.86
C ASP A 35 -44.05 -26.02 18.45
N LYS A 36 -43.94 -24.94 19.23
CA LYS A 36 -44.87 -23.83 19.12
C LYS A 36 -44.83 -23.14 17.75
N THR A 37 -43.89 -23.49 16.87
CA THR A 37 -43.68 -22.71 15.65
C THR A 37 -43.62 -23.53 14.37
N GLU A 38 -43.62 -24.86 14.42
CA GLU A 38 -43.47 -25.61 13.17
C GLU A 38 -44.65 -25.43 12.23
N ARG A 39 -45.76 -24.84 12.69
CA ARG A 39 -46.89 -24.61 11.81
C ARG A 39 -46.60 -23.50 10.80
N GLU A 40 -45.83 -22.49 11.19
CA GLU A 40 -45.41 -21.48 10.21
C GLU A 40 -44.68 -22.14 9.05
N LEU A 41 -43.82 -23.10 9.37
CA LEU A 41 -43.07 -23.81 8.34
C LEU A 41 -44.01 -24.53 7.39
N LEU A 42 -45.02 -25.18 7.93
CA LEU A 42 -45.96 -25.95 7.12
C LEU A 42 -46.84 -25.01 6.29
N GLU A 43 -47.32 -23.92 6.89
CA GLU A 43 -48.15 -22.98 6.16
C GLU A 43 -47.41 -22.32 5.01
N SER A 44 -46.10 -22.12 5.16
CA SER A 44 -45.32 -21.52 4.07
C SER A 44 -45.31 -22.43 2.84
N TYR A 45 -45.49 -23.74 3.04
CA TYR A 45 -45.48 -24.67 1.91
C TYR A 45 -46.72 -24.50 1.04
N ILE A 46 -47.89 -24.35 1.66
CA ILE A 46 -49.12 -24.07 0.93
C ILE A 46 -49.24 -22.56 0.75
N ASP A 47 -49.97 -21.90 1.65
CA ASP A 47 -50.03 -20.45 1.68
C ASP A 47 -50.40 -20.01 3.09
N GLY A 48 -49.83 -18.88 3.50
CA GLY A 48 -50.11 -18.23 4.78
C GLY A 48 -50.62 -19.06 5.95
N ILE B 1 -29.63 -14.55 17.66
CA ILE B 1 -30.81 -14.52 16.82
C ILE B 1 -31.64 -13.26 17.06
N VAL B 2 -31.83 -12.46 16.02
CA VAL B 2 -32.61 -11.23 16.11
C VAL B 2 -34.07 -11.56 15.87
N GLU B 3 -34.95 -10.94 16.68
CA GLU B 3 -36.40 -11.06 16.55
C GLU B 3 -36.87 -12.49 16.78
N GLY B 4 -36.25 -13.15 17.78
CA GLY B 4 -36.47 -14.56 18.02
C GLY B 4 -37.30 -14.83 19.26
N SER B 5 -37.46 -16.12 19.53
CA SER B 5 -38.11 -16.61 20.73
C SER B 5 -37.25 -17.71 21.34
N ASP B 6 -37.42 -17.91 22.64
CA ASP B 6 -36.74 -19.02 23.31
C ASP B 6 -37.18 -20.34 22.70
N ALA B 7 -36.22 -21.24 22.53
CA ALA B 7 -36.55 -22.59 22.09
C ALA B 7 -37.25 -23.36 23.20
N GLU B 8 -38.11 -24.29 22.82
CA GLU B 8 -38.59 -25.27 23.78
C GLU B 8 -37.53 -26.34 23.97
N ILE B 9 -37.56 -27.01 25.12
CA ILE B 9 -36.61 -28.08 25.37
C ILE B 9 -36.78 -29.17 24.31
N GLY B 10 -35.66 -29.62 23.74
CA GLY B 10 -35.68 -30.62 22.70
C GLY B 10 -36.05 -30.11 21.32
N MET B 11 -36.44 -28.83 21.19
CA MET B 11 -36.83 -28.26 19.91
C MET B 11 -35.79 -28.49 18.83
N SER B 12 -34.51 -28.46 19.18
CA SER B 12 -33.42 -28.62 18.23
C SER B 12 -32.37 -29.54 18.83
N PRO B 13 -32.65 -30.84 18.89
CA PRO B 13 -31.74 -31.77 19.58
C PRO B 13 -30.42 -31.97 18.88
N TRP B 14 -30.24 -31.37 17.71
CA TRP B 14 -29.02 -31.50 16.90
C TRP B 14 -28.12 -30.28 17.01
N GLN B 15 -28.56 -29.23 17.71
CA GLN B 15 -27.75 -28.04 17.85
C GLN B 15 -26.49 -28.35 18.64
N VAL B 16 -25.36 -27.84 18.16
CA VAL B 16 -24.07 -28.01 18.82
C VAL B 16 -23.49 -26.62 19.09
N MET B 17 -22.87 -26.49 20.26
CA MET B 17 -22.16 -25.28 20.65
C MET B 17 -20.65 -25.50 20.51
N LEU B 18 -19.98 -24.57 19.83
CA LEU B 18 -18.53 -24.57 19.75
C LEU B 18 -17.99 -23.66 20.85
N PHE B 19 -17.21 -24.24 21.76
CA PHE B 19 -16.73 -23.55 22.95
C PHE B 19 -15.21 -23.43 22.90
N ARG B 20 -14.72 -22.21 23.12
CA ARG B 20 -13.29 -21.93 23.13
C ARG B 20 -12.72 -22.32 24.49
N LYS B 21 -11.55 -22.96 24.48
CA LYS B 21 -10.98 -23.43 25.75
C LYS B 21 -10.48 -22.27 26.60
N SER B 22 -9.47 -21.55 26.11
CA SER B 22 -9.02 -20.33 26.76
C SER B 22 -8.95 -19.24 25.70
N PRO B 23 -9.66 -18.12 25.88
CA PRO B 23 -10.60 -17.83 26.98
C PRO B 23 -11.90 -18.63 26.87
N GLN B 24 -12.31 -19.24 27.98
CA GLN B 24 -13.59 -19.92 28.12
C GLN B 24 -14.73 -19.07 27.56
N GLU B 25 -15.01 -19.20 26.26
CA GLU B 25 -16.01 -18.38 25.60
C GLU B 25 -16.64 -19.15 24.46
N LEU B 26 -17.81 -18.67 24.03
CA LEU B 26 -18.53 -19.27 22.92
C LEU B 26 -17.90 -18.84 21.60
N LEU B 27 -17.73 -19.79 20.69
CA LEU B 27 -17.23 -19.52 19.35
C LEU B 27 -18.33 -19.48 18.30
N CYS B 28 -19.15 -20.53 18.23
CA CYS B 28 -20.00 -20.70 17.07
C CYS B 28 -21.04 -21.75 17.38
N GLY B 29 -21.96 -21.92 16.43
CA GLY B 29 -22.89 -23.02 16.45
C GLY B 29 -22.45 -24.11 15.48
N ALA B 30 -23.10 -25.26 15.59
CA ALA B 30 -22.85 -26.40 14.72
C ALA B 30 -24.04 -27.32 14.81
N SER B 31 -23.94 -28.49 14.18
CA SER B 31 -25.04 -29.44 14.14
C SER B 31 -24.49 -30.86 14.20
N LEU B 32 -25.31 -31.76 14.76
CA LEU B 32 -24.96 -33.17 14.89
C LEU B 32 -25.61 -33.94 13.74
N ILE B 33 -24.78 -34.60 12.93
CA ILE B 33 -25.28 -35.39 11.80
C ILE B 33 -25.08 -36.88 12.00
N SER B 34 -24.35 -37.28 13.03
CA SER B 34 -24.00 -38.67 13.27
C SER B 34 -23.55 -38.76 14.72
N ASP B 35 -23.31 -40.00 15.18
CA ASP B 35 -22.85 -40.16 16.55
C ASP B 35 -21.45 -39.61 16.76
N ARG B 36 -20.69 -39.40 15.68
CA ARG B 36 -19.30 -38.96 15.78
C ARG B 36 -18.97 -37.80 14.84
N TRP B 37 -19.95 -37.25 14.12
CA TRP B 37 -19.70 -36.26 13.09
C TRP B 37 -20.52 -35.00 13.36
N VAL B 38 -19.86 -33.85 13.28
CA VAL B 38 -20.49 -32.56 13.55
C VAL B 38 -20.20 -31.62 12.39
N LEU B 39 -21.23 -30.87 11.97
CA LEU B 39 -21.17 -30.01 10.80
C LEU B 39 -21.20 -28.55 11.23
N THR B 40 -20.34 -27.73 10.64
CA THR B 40 -20.22 -26.33 11.00
C THR B 40 -19.66 -25.54 9.82
N ALA B 41 -19.54 -24.23 10.01
CA ALA B 41 -18.99 -23.33 9.01
C ALA B 41 -17.48 -23.24 9.17
N ALA B 42 -16.78 -23.11 8.03
CA ALA B 42 -15.32 -23.06 8.06
C ALA B 42 -14.80 -21.77 8.69
N HIS B 43 -15.51 -20.65 8.52
CA HIS B 43 -15.04 -19.39 9.07
C HIS B 43 -15.13 -19.37 10.59
N CYS B 44 -15.78 -20.37 11.20
CA CYS B 44 -15.77 -20.50 12.65
C CYS B 44 -14.40 -20.93 13.16
N LEU B 45 -13.70 -21.75 12.39
CA LEU B 45 -12.35 -22.21 12.73
C LEU B 45 -11.26 -21.38 12.07
N LEU B 46 -11.41 -21.09 10.78
CA LEU B 46 -10.35 -20.46 9.98
C LEU B 46 -10.90 -19.21 9.31
N TYR B 47 -10.39 -18.05 9.72
CA TYR B 47 -10.65 -16.79 9.01
C TYR B 47 -9.48 -15.86 9.25
N PRO B 48 -8.44 -15.94 8.43
CA PRO B 48 -7.20 -15.18 8.67
C PRO B 48 -7.40 -13.67 8.77
N PRO B 49 -8.29 -13.06 7.96
CA PRO B 49 -8.39 -11.58 8.01
C PRO B 49 -8.65 -11.02 9.40
N TRP B 50 -9.35 -11.76 10.25
CA TRP B 50 -9.52 -11.37 11.65
C TRP B 50 -8.68 -12.24 12.58
N ASP B 51 -7.58 -12.80 12.07
CA ASP B 51 -6.60 -13.53 12.87
C ASP B 51 -7.23 -14.73 13.58
N LYS B 52 -7.94 -15.55 12.82
CA LYS B 52 -8.60 -16.73 13.36
C LYS B 52 -8.02 -17.99 12.74
N ASN B 53 -7.48 -18.87 13.58
CA ASN B 53 -7.00 -20.18 13.17
C ASN B 53 -7.12 -21.08 14.39
N PHE B 54 -8.26 -21.75 14.53
CA PHE B 54 -8.49 -22.68 15.62
C PHE B 54 -8.22 -24.10 15.16
N THR B 55 -7.59 -24.89 16.04
CA THR B 55 -7.21 -26.27 15.75
C THR B 55 -7.94 -27.21 16.69
N GLU B 56 -7.66 -28.51 16.56
CA GLU B 56 -8.49 -29.54 17.19
C GLU B 56 -8.58 -29.38 18.71
N ASN B 57 -7.43 -29.27 19.37
CA ASN B 57 -7.41 -29.18 20.83
C ASN B 57 -7.60 -27.76 21.34
N ASP B 58 -7.87 -26.80 20.45
CA ASP B 58 -8.18 -25.44 20.86
C ASP B 58 -9.59 -25.30 21.42
N LEU B 59 -10.44 -26.30 21.20
CA LEU B 59 -11.84 -26.15 21.54
C LEU B 59 -12.44 -27.51 21.87
N LEU B 60 -13.69 -27.47 22.30
CA LEU B 60 -14.55 -28.61 22.56
C LEU B 60 -15.96 -28.29 22.12
N VAL B 61 -16.75 -29.34 21.88
CA VAL B 61 -18.12 -29.20 21.45
C VAL B 61 -19.03 -29.59 22.62
N ARG B 62 -20.02 -28.73 22.89
CA ARG B 62 -21.03 -28.97 23.92
C ARG B 62 -22.34 -29.30 23.21
N ILE B 63 -22.80 -30.54 23.37
CA ILE B 63 -23.98 -31.04 22.67
C ILE B 63 -25.12 -31.22 23.67
N GLY B 64 -26.33 -30.87 23.26
CA GLY B 64 -27.50 -31.04 24.10
C GLY B 64 -27.80 -29.87 25.01
N LYS B 65 -27.19 -28.71 24.79
CA LYS B 65 -27.33 -27.58 25.68
C LYS B 65 -28.63 -26.82 25.42
N HIS B 66 -29.23 -26.30 26.49
CA HIS B 66 -30.33 -25.35 26.40
C HIS B 66 -29.87 -23.94 26.74
N SER B 67 -29.29 -23.74 27.92
CA SER B 67 -28.87 -22.43 28.38
C SER B 67 -27.49 -22.08 27.81
N ARG B 68 -27.29 -20.79 27.55
CA ARG B 68 -26.01 -20.34 27.01
C ARG B 68 -24.88 -20.45 28.04
N THR B 69 -25.18 -20.18 29.30
CA THR B 69 -24.17 -20.05 30.35
C THR B 69 -24.13 -21.27 31.26
N ARG B 70 -25.24 -21.59 31.93
CA ARG B 70 -25.32 -22.70 32.89
C ARG B 70 -24.62 -23.94 32.35
N TYR B 71 -23.87 -24.61 33.22
CA TYR B 71 -23.31 -25.90 32.88
C TYR B 71 -24.41 -26.93 33.11
N GLU B 72 -24.96 -27.48 32.03
CA GLU B 72 -26.13 -28.34 32.13
C GLU B 72 -25.68 -29.78 32.37
N ARG B 73 -25.15 -29.95 33.60
CA ARG B 73 -24.73 -31.21 34.16
C ARG B 73 -25.75 -32.30 33.90
N ASN B 74 -25.30 -33.42 33.33
CA ASN B 74 -26.02 -34.66 33.11
C ASN B 74 -26.96 -34.56 31.90
N ILE B 75 -27.22 -33.37 31.36
CA ILE B 75 -28.05 -33.21 30.18
C ILE B 75 -27.14 -33.03 28.98
N GLU B 76 -26.26 -32.04 29.04
CA GLU B 76 -25.33 -31.78 27.96
C GLU B 76 -24.15 -32.75 28.03
N LYS B 77 -23.59 -33.06 26.86
CA LYS B 77 -22.31 -33.75 26.76
C LYS B 77 -21.26 -32.83 26.17
N ILE B 78 -20.05 -32.94 26.70
CA ILE B 78 -18.86 -32.21 26.24
C ILE B 78 -17.94 -33.20 25.54
N SER B 79 -17.69 -32.96 24.26
CA SER B 79 -16.88 -33.84 23.44
C SER B 79 -15.70 -33.06 22.87
N MET B 80 -14.58 -33.77 22.69
CA MET B 80 -13.38 -33.21 22.10
C MET B 80 -13.21 -33.72 20.68
N LEU B 81 -12.42 -32.98 19.90
CA LEU B 81 -12.33 -33.20 18.47
C LEU B 81 -11.12 -34.06 18.13
N GLU B 82 -11.36 -35.12 17.35
CA GLU B 82 -10.26 -35.88 16.81
C GLU B 82 -9.61 -35.16 15.64
N LYS B 83 -10.41 -34.77 14.65
CA LYS B 83 -9.90 -33.99 13.53
C LYS B 83 -10.94 -33.01 13.03
N ILE B 84 -10.44 -31.98 12.35
CA ILE B 84 -11.26 -30.98 11.67
C ILE B 84 -11.00 -31.08 10.17
N TYR B 85 -12.06 -31.10 9.37
CA TYR B 85 -11.96 -31.13 7.92
C TYR B 85 -12.65 -29.89 7.36
N ILE B 86 -11.86 -28.95 6.86
CA ILE B 86 -12.34 -27.71 6.25
C ILE B 86 -12.29 -27.89 4.74
N HIS B 87 -13.28 -27.36 4.03
CA HIS B 87 -13.37 -27.59 2.59
C HIS B 87 -12.11 -27.12 1.88
N PRO B 88 -11.58 -27.91 0.94
CA PRO B 88 -10.31 -27.54 0.30
C PRO B 88 -10.37 -26.25 -0.50
N ARG B 89 -11.52 -25.89 -1.06
CA ARG B 89 -11.67 -24.69 -1.86
C ARG B 89 -12.48 -23.61 -1.14
N TYR B 90 -12.53 -23.67 0.19
CA TYR B 90 -13.15 -22.61 0.98
C TYR B 90 -12.42 -21.29 0.73
N ASN B 91 -13.16 -20.32 0.19
CA ASN B 91 -12.58 -19.09 -0.31
C ASN B 91 -12.81 -17.94 0.67
N TRP B 92 -12.05 -17.97 1.77
CA TRP B 92 -12.15 -16.90 2.74
C TRP B 92 -11.66 -15.57 2.18
N ARG B 93 -10.83 -15.60 1.14
CA ARG B 93 -10.25 -14.36 0.63
C ARG B 93 -11.28 -13.53 -0.12
N GLU B 94 -12.28 -14.16 -0.73
CA GLU B 94 -13.22 -13.43 -1.57
C GLU B 94 -14.61 -13.35 -0.95
N ASN B 95 -15.45 -14.36 -1.17
CA ASN B 95 -16.86 -14.29 -0.81
C ASN B 95 -17.28 -15.26 0.27
N LEU B 96 -16.36 -16.00 0.88
CA LEU B 96 -16.64 -17.06 1.85
C LEU B 96 -17.21 -18.30 1.19
N ASP B 97 -16.98 -18.47 -0.11
CA ASP B 97 -17.50 -19.61 -0.86
C ASP B 97 -17.09 -20.92 -0.19
N ARG B 98 -18.00 -21.89 -0.21
CA ARG B 98 -17.73 -23.22 0.33
C ARG B 98 -17.41 -23.16 1.82
N ASP B 99 -18.21 -22.39 2.56
CA ASP B 99 -17.99 -22.15 3.98
C ASP B 99 -18.56 -23.34 4.76
N ILE B 100 -17.77 -24.41 4.83
CA ILE B 100 -18.23 -25.66 5.43
C ILE B 100 -17.05 -26.39 6.03
N ALA B 101 -17.32 -27.08 7.14
CA ALA B 101 -16.27 -27.81 7.85
C ALA B 101 -16.90 -28.99 8.59
N LEU B 102 -16.27 -30.15 8.52
CA LEU B 102 -16.67 -31.31 9.29
C LEU B 102 -15.73 -31.52 10.46
N MET B 103 -16.25 -32.10 11.53
CA MET B 103 -15.48 -32.32 12.76
C MET B 103 -15.82 -33.70 13.31
N LYS B 104 -14.79 -34.55 13.40
CA LYS B 104 -14.96 -35.92 13.88
C LYS B 104 -14.69 -35.95 15.39
N LEU B 105 -15.71 -36.34 16.15
CA LEU B 105 -15.54 -36.48 17.60
C LEU B 105 -14.58 -37.64 17.90
N LYS B 106 -13.91 -37.53 19.05
CA LYS B 106 -12.94 -38.55 19.44
C LYS B 106 -13.65 -39.86 19.78
N LYS B 107 -14.71 -39.78 20.59
CA LYS B 107 -15.55 -40.94 20.88
C LYS B 107 -17.00 -40.63 20.52
N PRO B 108 -17.73 -41.62 20.01
CA PRO B 108 -19.13 -41.37 19.64
C PRO B 108 -19.96 -40.90 20.82
N VAL B 109 -20.78 -39.87 20.57
CA VAL B 109 -21.71 -39.36 21.57
C VAL B 109 -22.95 -40.24 21.59
N ALA B 110 -23.57 -40.35 22.76
CA ALA B 110 -24.76 -41.18 22.96
C ALA B 110 -26.00 -40.30 22.91
N PHE B 111 -26.96 -40.70 22.08
CA PHE B 111 -28.16 -39.89 21.88
C PHE B 111 -29.06 -39.95 23.11
N SER B 112 -29.76 -38.85 23.38
CA SER B 112 -30.71 -38.77 24.47
C SER B 112 -31.96 -38.09 23.95
N ASP B 113 -32.90 -37.77 24.85
CA ASP B 113 -34.01 -36.91 24.47
C ASP B 113 -33.54 -35.54 24.03
N TYR B 114 -32.31 -35.17 24.38
CA TYR B 114 -31.78 -33.85 24.13
C TYR B 114 -30.70 -33.84 23.06
N ILE B 115 -30.24 -35.02 22.63
CA ILE B 115 -29.21 -35.15 21.62
C ILE B 115 -29.73 -36.11 20.55
N HIS B 116 -29.90 -35.60 19.33
CA HIS B 116 -30.40 -36.40 18.22
C HIS B 116 -29.89 -35.79 16.93
N PRO B 117 -29.46 -36.59 15.97
CA PRO B 117 -28.92 -36.04 14.73
C PRO B 117 -30.00 -35.57 13.77
N VAL B 118 -29.59 -34.67 12.87
CA VAL B 118 -30.47 -34.13 11.84
C VAL B 118 -30.23 -34.89 10.55
N CYS B 119 -31.20 -34.85 9.64
CA CYS B 119 -31.03 -35.46 8.33
C CYS B 119 -30.43 -34.47 7.34
N LEU B 120 -29.65 -35.00 6.42
CA LEU B 120 -29.06 -34.23 5.34
C LEU B 120 -29.85 -34.45 4.06
N PRO B 121 -30.07 -33.40 3.26
CA PRO B 121 -31.05 -33.49 2.17
C PRO B 121 -30.56 -34.34 1.01
N ASP B 122 -31.47 -35.13 0.45
CA ASP B 122 -31.21 -35.85 -0.78
C ASP B 122 -31.50 -34.94 -1.98
N ARG B 123 -31.34 -35.51 -3.19
CA ARG B 123 -31.60 -34.77 -4.41
C ARG B 123 -33.00 -34.17 -4.42
N GLU B 124 -34.00 -34.98 -4.06
CA GLU B 124 -35.39 -34.58 -4.20
C GLU B 124 -35.76 -33.55 -3.15
N THR B 125 -35.43 -33.83 -1.88
CA THR B 125 -35.73 -32.90 -0.79
C THR B 125 -35.16 -31.51 -1.10
N ALA B 126 -33.90 -31.47 -1.54
CA ALA B 126 -33.29 -30.20 -1.93
C ALA B 126 -34.13 -29.48 -2.98
N ALA B 127 -34.60 -30.22 -3.99
CA ALA B 127 -35.37 -29.58 -5.05
C ALA B 127 -36.76 -29.16 -4.55
N SER B 128 -37.42 -30.01 -3.77
CA SER B 128 -38.79 -29.72 -3.37
C SER B 128 -38.84 -28.62 -2.31
N LEU B 129 -37.87 -28.59 -1.39
CA LEU B 129 -37.97 -27.73 -0.22
C LEU B 129 -37.25 -26.40 -0.37
N LEU B 130 -36.15 -26.34 -1.12
CA LEU B 130 -35.34 -25.13 -1.17
C LEU B 130 -35.88 -24.20 -2.27
N GLN B 131 -37.09 -23.71 -2.02
CA GLN B 131 -37.78 -22.83 -2.96
C GLN B 131 -38.09 -21.52 -2.27
N ALA B 132 -38.12 -20.45 -3.06
CA ALA B 132 -38.29 -19.11 -2.51
C ALA B 132 -39.67 -18.95 -1.87
N GLY B 133 -39.69 -18.42 -0.65
CA GLY B 133 -40.92 -18.22 0.07
C GLY B 133 -41.23 -19.30 1.10
N TYR B 134 -40.69 -20.49 0.93
CA TYR B 134 -40.76 -21.50 1.97
C TYR B 134 -39.88 -21.06 3.13
N LYS B 135 -40.31 -21.37 4.35
CA LYS B 135 -39.59 -20.92 5.52
C LYS B 135 -38.84 -22.08 6.16
N GLY B 136 -37.60 -21.79 6.57
CA GLY B 136 -36.83 -22.68 7.41
C GLY B 136 -36.62 -22.05 8.78
N ARG B 137 -35.88 -22.76 9.62
CA ARG B 137 -35.72 -22.39 11.01
C ARG B 137 -34.24 -22.31 11.38
N VAL B 138 -33.86 -21.24 12.06
CA VAL B 138 -32.47 -21.00 12.46
C VAL B 138 -32.42 -20.87 13.98
N THR B 139 -31.42 -21.51 14.60
CA THR B 139 -31.30 -21.60 16.04
C THR B 139 -29.87 -21.29 16.49
N GLY B 140 -29.74 -20.59 17.62
CA GLY B 140 -28.41 -20.28 18.15
C GLY B 140 -28.50 -19.39 19.37
N TRP B 141 -27.38 -19.36 20.11
CA TRP B 141 -27.21 -18.49 21.27
C TRP B 141 -26.53 -17.17 20.92
N GLY B 142 -26.59 -16.75 19.68
CA GLY B 142 -25.95 -15.51 19.26
C GLY B 142 -26.64 -14.27 19.80
N ASN B 143 -26.04 -13.13 19.50
CA ASN B 143 -26.53 -11.87 20.04
C ASN B 143 -27.95 -11.57 19.55
N LEU B 144 -28.74 -10.92 20.41
CA LEU B 144 -30.12 -10.60 20.14
C LEU B 144 -30.30 -9.39 19.23
N LYS B 145 -29.22 -8.65 18.96
CA LYS B 145 -29.27 -7.43 18.19
C LYS B 145 -27.84 -7.03 17.88
N GLU B 146 -27.67 -6.17 16.87
CA GLU B 146 -26.33 -5.77 16.45
C GLU B 146 -25.58 -5.09 17.60
N THR B 147 -26.18 -4.07 18.20
CA THR B 147 -25.54 -3.29 19.25
C THR B 147 -26.52 -3.07 20.40
N TRP B 148 -25.95 -2.98 21.60
CA TRP B 148 -26.74 -2.95 22.84
C TRP B 148 -25.86 -2.39 23.93
N THR B 149 -26.31 -1.32 24.59
CA THR B 149 -25.47 -0.65 25.58
C THR B 149 -24.97 -1.64 26.64
N ALA B 150 -23.73 -1.39 27.10
CA ALA B 150 -23.10 -2.29 28.06
C ALA B 150 -23.82 -2.35 29.40
N ASN B 151 -24.61 -1.33 29.71
CA ASN B 151 -25.41 -1.30 30.95
C ASN B 151 -26.35 -2.49 31.01
N VAL B 152 -27.60 -2.27 30.59
CA VAL B 152 -28.58 -3.34 30.47
C VAL B 152 -28.70 -3.69 28.99
N GLY B 153 -29.80 -3.29 28.34
CA GLY B 153 -29.92 -3.43 26.91
C GLY B 153 -29.83 -4.84 26.38
N LYS B 154 -30.33 -5.82 27.14
CA LYS B 154 -30.34 -7.24 26.78
C LYS B 154 -29.07 -7.66 26.05
N GLY B 155 -29.18 -7.97 24.77
CA GLY B 155 -28.03 -8.27 23.93
C GLY B 155 -27.61 -9.72 23.82
N GLN B 156 -27.71 -10.48 24.90
CA GLN B 156 -27.32 -11.87 24.88
C GLN B 156 -28.42 -12.74 25.46
N PRO B 157 -28.79 -13.82 24.79
CA PRO B 157 -29.88 -14.66 25.28
C PRO B 157 -29.46 -15.48 26.49
N SER B 158 -30.45 -15.81 27.32
CA SER B 158 -30.21 -16.77 28.39
C SER B 158 -30.22 -18.20 27.85
N VAL B 159 -31.09 -18.47 26.87
CA VAL B 159 -31.26 -19.80 26.31
C VAL B 159 -31.19 -19.74 24.79
N LEU B 160 -31.20 -20.91 24.17
CA LEU B 160 -31.19 -21.03 22.72
C LEU B 160 -32.34 -20.24 22.11
N GLN B 161 -32.12 -19.69 20.92
CA GLN B 161 -33.09 -18.83 20.26
C GLN B 161 -33.48 -19.43 18.92
N VAL B 162 -34.72 -19.20 18.50
CA VAL B 162 -35.24 -19.80 17.28
C VAL B 162 -36.12 -18.79 16.53
N VAL B 163 -35.90 -18.69 15.22
CA VAL B 163 -36.77 -17.97 14.29
C VAL B 163 -37.05 -18.83 13.07
N ASN B 164 -38.11 -18.48 12.35
CA ASN B 164 -38.39 -19.04 11.04
C ASN B 164 -38.29 -17.91 10.01
N LEU B 165 -37.50 -18.13 8.97
CA LEU B 165 -37.25 -17.11 7.96
C LEU B 165 -37.52 -17.65 6.57
N PRO B 166 -38.01 -16.81 5.67
CA PRO B 166 -38.35 -17.28 4.33
C PRO B 166 -37.15 -17.27 3.39
N ILE B 167 -37.04 -18.33 2.58
CA ILE B 167 -36.02 -18.39 1.55
C ILE B 167 -36.29 -17.32 0.51
N VAL B 168 -35.25 -16.63 0.06
CA VAL B 168 -35.39 -15.45 -0.76
C VAL B 168 -34.81 -15.71 -2.15
N GLU B 169 -35.44 -15.12 -3.15
CA GLU B 169 -35.08 -15.36 -4.55
C GLU B 169 -33.61 -15.05 -4.79
N ARG B 170 -32.91 -15.98 -5.45
CA ARG B 170 -31.52 -15.74 -5.85
C ARG B 170 -31.30 -14.37 -6.49
N PRO B 171 -32.08 -13.95 -7.49
CA PRO B 171 -31.86 -12.60 -8.05
C PRO B 171 -31.95 -11.50 -7.01
N VAL B 172 -32.90 -11.59 -6.07
CA VAL B 172 -32.98 -10.59 -5.01
C VAL B 172 -31.75 -10.68 -4.12
N CYS B 173 -31.30 -11.90 -3.81
CA CYS B 173 -30.12 -12.08 -2.98
C CYS B 173 -28.89 -11.43 -3.62
N LYS B 174 -28.69 -11.63 -4.93
CA LYS B 174 -27.52 -11.05 -5.59
C LYS B 174 -27.58 -9.53 -5.64
N ASP B 175 -28.79 -8.96 -5.69
CA ASP B 175 -28.93 -7.51 -5.71
C ASP B 175 -28.83 -6.90 -4.32
N SER B 176 -28.92 -7.72 -3.27
CA SER B 176 -28.90 -7.23 -1.90
C SER B 176 -27.50 -6.80 -1.48
N THR B 177 -26.47 -7.35 -2.11
CA THR B 177 -25.09 -7.15 -1.68
C THR B 177 -24.21 -6.92 -2.90
N ARG B 178 -23.00 -6.42 -2.64
CA ARG B 178 -21.98 -6.35 -3.69
C ARG B 178 -21.03 -7.55 -3.64
N ILE B 179 -21.21 -8.44 -2.66
CA ILE B 179 -20.43 -9.67 -2.63
C ILE B 179 -20.94 -10.61 -3.70
N ARG B 180 -20.02 -11.23 -4.44
CA ARG B 180 -20.39 -12.19 -5.48
C ARG B 180 -20.93 -13.46 -4.82
N ILE B 181 -22.24 -13.71 -4.96
CA ILE B 181 -22.82 -14.90 -4.35
C ILE B 181 -22.89 -15.99 -5.40
N THR B 182 -22.86 -17.24 -4.93
CA THR B 182 -22.54 -18.41 -5.73
C THR B 182 -23.60 -19.49 -5.53
N ASP B 183 -23.48 -20.59 -6.27
CA ASP B 183 -24.36 -21.74 -6.09
C ASP B 183 -24.22 -22.37 -4.71
N ASN B 184 -23.09 -22.16 -4.03
CA ASN B 184 -22.88 -22.76 -2.72
C ASN B 184 -23.55 -21.98 -1.60
N MET B 185 -24.14 -20.82 -1.89
CA MET B 185 -24.84 -20.00 -0.92
C MET B 185 -26.29 -19.81 -1.32
N PHE B 186 -27.15 -19.68 -0.32
CA PHE B 186 -28.53 -19.27 -0.49
C PHE B 186 -28.88 -18.32 0.65
N CYS B 187 -29.89 -17.47 0.42
CA CYS B 187 -30.20 -16.39 1.33
C CYS B 187 -31.65 -16.48 1.78
N ALA B 188 -31.91 -15.91 2.96
CA ALA B 188 -33.21 -16.07 3.61
C ALA B 188 -33.44 -14.92 4.56
N GLY B 189 -34.71 -14.59 4.72
CA GLY B 189 -35.14 -13.47 5.55
C GLY B 189 -36.39 -12.85 4.95
N TYR B 190 -36.83 -11.77 5.60
CA TYR B 190 -37.99 -11.05 5.11
C TYR B 190 -37.53 -9.84 4.31
N LYS B 191 -38.32 -9.49 3.30
CA LYS B 191 -38.10 -8.26 2.56
C LYS B 191 -38.71 -7.09 3.31
N PRO B 192 -38.20 -5.88 3.10
CA PRO B 192 -38.67 -4.75 3.93
C PRO B 192 -40.16 -4.50 3.80
N ASP B 193 -40.74 -4.77 2.64
CA ASP B 193 -42.18 -4.65 2.46
C ASP B 193 -42.97 -5.69 3.24
N GLU B 194 -42.36 -6.83 3.56
CA GLU B 194 -43.10 -7.92 4.18
C GLU B 194 -43.55 -7.60 5.61
N GLY B 195 -43.09 -6.50 6.19
CA GLY B 195 -43.57 -6.09 7.51
C GLY B 195 -43.29 -7.09 8.61
N LYS B 196 -42.20 -7.84 8.50
CA LYS B 196 -41.80 -8.79 9.54
C LYS B 196 -40.28 -8.83 9.56
N ARG B 197 -39.71 -9.23 10.70
CA ARG B 197 -38.27 -9.14 10.87
C ARG B 197 -37.71 -10.43 11.45
N GLY B 198 -36.39 -10.54 11.39
CA GLY B 198 -35.66 -11.68 11.91
C GLY B 198 -34.40 -11.92 11.11
N ASP B 199 -33.39 -12.45 11.79
CA ASP B 199 -32.09 -12.74 11.19
C ASP B 199 -31.20 -13.39 12.25
N ALA B 200 -30.12 -14.00 11.79
CA ALA B 200 -29.07 -14.44 12.68
C ALA B 200 -28.15 -13.27 13.02
N CYS B 201 -27.30 -13.45 14.04
CA CYS B 201 -26.40 -12.40 14.47
C CYS B 201 -25.10 -13.04 14.95
N GLU B 202 -24.25 -12.23 15.58
CA GLU B 202 -22.93 -12.70 16.00
C GLU B 202 -23.04 -13.85 16.99
N GLY B 203 -22.40 -14.97 16.66
CA GLY B 203 -22.42 -16.18 17.45
C GLY B 203 -23.28 -17.27 16.86
N ASP B 204 -24.19 -16.93 15.94
CA ASP B 204 -25.07 -17.92 15.33
C ASP B 204 -24.44 -18.65 14.16
N SER B 205 -23.33 -18.15 13.64
CA SER B 205 -22.69 -18.78 12.49
C SER B 205 -22.33 -20.22 12.80
N GLY B 206 -22.35 -21.05 11.75
CA GLY B 206 -22.11 -22.47 11.89
C GLY B 206 -23.33 -23.27 12.32
N GLY B 207 -24.34 -22.63 12.89
CA GLY B 207 -25.56 -23.30 13.28
C GLY B 207 -26.40 -23.70 12.08
N PRO B 208 -27.49 -24.44 12.34
CA PRO B 208 -28.24 -25.04 11.22
C PRO B 208 -29.52 -24.30 10.80
N PHE B 209 -29.65 -24.13 9.49
CA PHE B 209 -30.92 -23.76 8.85
C PHE B 209 -31.65 -25.06 8.51
N VAL B 210 -32.79 -25.29 9.14
CA VAL B 210 -33.50 -26.55 8.96
C VAL B 210 -34.92 -26.28 8.46
N MET B 211 -35.46 -27.26 7.73
CA MET B 211 -36.85 -27.27 7.32
C MET B 211 -37.42 -28.68 7.55
N LYS B 212 -38.64 -28.72 8.06
CA LYS B 212 -39.34 -29.98 8.26
C LYS B 212 -40.04 -30.38 6.98
N SER B 213 -39.77 -31.58 6.50
CA SER B 213 -40.36 -32.00 5.24
C SER B 213 -41.86 -32.26 5.39
N PRO B 214 -42.68 -31.78 4.46
CA PRO B 214 -44.12 -32.06 4.51
C PRO B 214 -44.47 -33.46 4.05
N PHE B 215 -43.50 -34.22 3.52
CA PHE B 215 -43.75 -35.58 3.05
C PHE B 215 -43.41 -36.63 4.10
N ASN B 216 -42.21 -36.58 4.68
CA ASN B 216 -41.83 -37.55 5.69
C ASN B 216 -41.80 -36.99 7.10
N ASN B 217 -42.16 -35.72 7.28
CA ASN B 217 -42.17 -35.06 8.58
C ASN B 217 -40.81 -35.11 9.27
N ARG B 218 -39.74 -35.27 8.51
CA ARG B 218 -38.40 -35.23 9.06
C ARG B 218 -37.81 -33.84 8.96
N TRP B 219 -36.77 -33.60 9.75
CA TRP B 219 -36.07 -32.33 9.77
C TRP B 219 -34.79 -32.45 8.95
N TYR B 220 -34.65 -31.58 7.95
CA TYR B 220 -33.49 -31.56 7.08
C TYR B 220 -32.68 -30.29 7.29
N GLN B 221 -31.36 -30.44 7.34
CA GLN B 221 -30.47 -29.27 7.38
C GLN B 221 -30.19 -28.85 5.94
N MET B 222 -30.78 -27.72 5.55
CA MET B 222 -30.55 -27.16 4.23
C MET B 222 -29.45 -26.12 4.22
N GLY B 223 -29.15 -25.50 5.35
CA GLY B 223 -28.19 -24.41 5.38
C GLY B 223 -27.33 -24.43 6.62
N ILE B 224 -26.15 -23.86 6.49
CA ILE B 224 -25.29 -23.50 7.62
C ILE B 224 -25.26 -21.98 7.69
N VAL B 225 -25.48 -21.43 8.89
CA VAL B 225 -25.40 -19.99 9.08
C VAL B 225 -24.02 -19.52 8.63
N SER B 226 -23.96 -18.73 7.56
CA SER B 226 -22.69 -18.35 6.97
C SER B 226 -22.35 -16.89 7.28
N TRP B 227 -22.89 -15.94 6.52
CA TRP B 227 -22.49 -14.56 6.68
C TRP B 227 -23.65 -13.62 6.44
N GLY B 228 -23.49 -12.38 6.91
CA GLY B 228 -24.44 -11.32 6.69
C GLY B 228 -23.89 -9.95 7.02
N GLU B 229 -24.07 -8.97 6.13
CA GLU B 229 -23.62 -7.60 6.39
C GLU B 229 -24.47 -6.95 7.47
N GLY B 230 -24.16 -7.26 8.73
CA GLY B 230 -24.88 -6.71 9.87
C GLY B 230 -25.83 -7.71 10.53
N CYS B 231 -26.94 -7.20 11.07
CA CYS B 231 -27.97 -8.04 11.67
C CYS B 231 -29.32 -7.38 11.46
N ASP B 232 -30.21 -8.10 10.75
CA ASP B 232 -31.61 -7.72 10.55
C ASP B 232 -31.76 -6.35 9.90
N ARG B 233 -30.76 -5.90 9.15
CA ARG B 233 -30.92 -4.64 8.42
C ARG B 233 -32.01 -4.76 7.37
N ASP B 234 -32.65 -3.64 7.08
CA ASP B 234 -33.69 -3.62 6.07
C ASP B 234 -33.07 -3.77 4.69
N GLY B 235 -33.71 -4.59 3.85
CA GLY B 235 -33.18 -4.85 2.52
C GLY B 235 -31.88 -5.61 2.50
N LYS B 236 -31.51 -6.25 3.60
CA LYS B 236 -30.32 -7.08 3.67
C LYS B 236 -30.75 -8.49 4.07
N TYR B 237 -29.91 -9.47 3.74
CA TYR B 237 -30.25 -10.85 4.01
C TYR B 237 -29.08 -11.58 4.65
N GLY B 238 -29.41 -12.69 5.31
CA GLY B 238 -28.41 -13.60 5.79
C GLY B 238 -28.17 -14.66 4.74
N PHE B 239 -26.92 -15.10 4.63
CA PHE B 239 -26.52 -16.05 3.62
C PHE B 239 -26.09 -17.35 4.29
N TYR B 240 -26.44 -18.45 3.64
CA TYR B 240 -26.34 -19.78 4.25
C TYR B 240 -25.62 -20.70 3.29
N THR B 241 -24.78 -21.58 3.83
CA THR B 241 -24.12 -22.58 3.01
C THR B 241 -25.15 -23.59 2.52
N HIS B 242 -25.22 -23.75 1.20
CA HIS B 242 -26.24 -24.58 0.56
C HIS B 242 -25.77 -26.02 0.67
N VAL B 243 -26.22 -26.72 1.72
CA VAL B 243 -25.60 -27.97 2.14
C VAL B 243 -25.62 -29.00 1.02
N PHE B 244 -26.73 -29.11 0.29
CA PHE B 244 -26.82 -30.13 -0.75
C PHE B 244 -25.73 -29.95 -1.80
N ARG B 245 -25.41 -28.70 -2.14
CA ARG B 245 -24.41 -28.45 -3.16
C ARG B 245 -23.07 -29.07 -2.80
N LEU B 246 -22.71 -29.03 -1.52
CA LEU B 246 -21.43 -29.53 -1.03
C LEU B 246 -21.53 -30.91 -0.43
N LYS B 247 -22.68 -31.57 -0.56
CA LYS B 247 -22.89 -32.87 0.08
C LYS B 247 -21.96 -33.93 -0.49
N LYS B 248 -21.66 -33.89 -1.79
CA LYS B 248 -20.68 -34.83 -2.35
C LYS B 248 -19.37 -34.76 -1.60
N TRP B 249 -18.95 -33.57 -1.17
CA TRP B 249 -17.74 -33.42 -0.37
C TRP B 249 -17.91 -34.04 1.01
N ILE B 250 -19.03 -33.75 1.68
CA ILE B 250 -19.31 -34.34 2.99
C ILE B 250 -19.24 -35.86 2.91
N GLN B 251 -19.72 -36.42 1.80
CA GLN B 251 -19.66 -37.87 1.63
C GLN B 251 -18.22 -38.36 1.47
N LYS B 252 -17.41 -37.63 0.71
CA LYS B 252 -16.01 -38.01 0.53
C LYS B 252 -15.27 -38.01 1.86
N VAL B 253 -15.48 -36.99 2.69
CA VAL B 253 -14.76 -36.90 3.96
C VAL B 253 -15.13 -38.07 4.87
N ILE B 254 -16.42 -38.37 4.98
CA ILE B 254 -16.86 -39.38 5.95
C ILE B 254 -16.54 -40.79 5.45
N ASP B 255 -16.69 -41.03 4.14
CA ASP B 255 -16.39 -42.35 3.60
C ASP B 255 -14.90 -42.67 3.68
N GLN B 256 -14.03 -41.66 3.68
CA GLN B 256 -12.62 -41.91 3.96
C GLN B 256 -12.38 -42.10 5.45
N PHE B 257 -12.58 -41.05 6.23
CA PHE B 257 -12.07 -41.00 7.60
C PHE B 257 -13.02 -41.61 8.62
N GLY B 258 -14.32 -41.33 8.50
CA GLY B 258 -15.30 -41.92 9.38
C GLY B 258 -15.32 -43.44 9.32
N GLU C 19 3.58 -15.78 -38.70
CA GLU C 19 3.16 -14.38 -38.71
C GLU C 19 1.67 -14.25 -38.44
N ALA C 20 0.85 -14.82 -39.33
CA ALA C 20 -0.58 -14.90 -39.11
C ALA C 20 -1.03 -16.28 -38.64
N ASP C 21 -0.12 -17.26 -38.63
CA ASP C 21 -0.36 -18.57 -38.04
C ASP C 21 0.13 -18.67 -36.61
N CYS C 22 0.53 -17.55 -35.99
CA CYS C 22 1.05 -17.62 -34.63
C CYS C 22 0.03 -18.26 -33.71
N GLY C 23 0.53 -18.96 -32.69
CA GLY C 23 -0.32 -19.59 -31.70
C GLY C 23 -0.90 -20.94 -32.09
N LEU C 24 -0.83 -21.34 -33.37
CA LEU C 24 -1.34 -22.62 -33.83
C LEU C 24 -0.17 -23.57 -34.06
N ARG C 25 -0.03 -24.55 -33.16
CA ARG C 25 1.09 -25.46 -33.20
C ARG C 25 0.87 -26.55 -34.25
N PRO C 26 1.89 -26.87 -35.05
CA PRO C 26 1.74 -27.91 -36.07
C PRO C 26 1.32 -29.26 -35.52
N LEU C 27 1.82 -29.67 -34.36
CA LEU C 27 1.57 -31.01 -33.85
C LEU C 27 0.35 -31.11 -32.95
N PHE C 28 -0.38 -30.02 -32.74
CA PHE C 28 -1.53 -30.04 -31.83
C PHE C 28 -2.75 -29.38 -32.44
N GLU C 29 -2.82 -28.03 -32.39
CA GLU C 29 -3.98 -27.33 -32.92
C GLU C 29 -4.18 -27.62 -34.40
N LYS C 30 -3.10 -27.61 -35.18
CA LYS C 30 -3.22 -27.92 -36.61
C LYS C 30 -3.64 -29.35 -36.87
N LYS C 31 -3.34 -30.27 -35.95
CA LYS C 31 -3.84 -31.64 -36.02
C LYS C 31 -5.04 -31.87 -35.12
N SER C 32 -5.68 -30.79 -34.67
CA SER C 32 -6.79 -30.83 -33.71
C SER C 32 -6.55 -31.83 -32.61
N LEU C 33 -5.48 -31.63 -31.85
CA LEU C 33 -5.12 -32.49 -30.73
C LEU C 33 -4.88 -31.62 -29.51
N GLU C 34 -5.10 -32.19 -28.33
CA GLU C 34 -4.84 -31.53 -27.07
C GLU C 34 -3.55 -32.05 -26.46
N ASP C 35 -2.84 -31.17 -25.76
CA ASP C 35 -1.67 -31.62 -25.01
C ASP C 35 -2.14 -32.07 -23.62
N LYS C 36 -1.19 -32.55 -22.80
CA LYS C 36 -1.56 -33.27 -21.58
C LYS C 36 -2.31 -32.37 -20.60
N THR C 37 -1.90 -31.11 -20.48
CA THR C 37 -2.37 -30.25 -19.40
C THR C 37 -3.05 -28.97 -19.85
N GLU C 38 -3.32 -28.80 -21.15
CA GLU C 38 -3.95 -27.55 -21.58
C GLU C 38 -5.41 -27.46 -21.16
N ARG C 39 -6.06 -28.60 -20.91
CA ARG C 39 -7.41 -28.56 -20.35
C ARG C 39 -7.42 -27.82 -19.03
N GLU C 40 -6.40 -28.04 -18.20
CA GLU C 40 -6.28 -27.35 -16.92
C GLU C 40 -6.33 -25.83 -17.09
N LEU C 41 -5.71 -25.33 -18.16
CA LEU C 41 -5.71 -23.89 -18.40
C LEU C 41 -7.10 -23.39 -18.77
N LEU C 42 -7.87 -24.18 -19.51
CA LEU C 42 -9.21 -23.76 -19.89
C LEU C 42 -10.15 -23.81 -18.70
N GLU C 43 -9.99 -24.82 -17.82
CA GLU C 43 -10.83 -24.90 -16.64
C GLU C 43 -10.64 -23.71 -15.71
N SER C 44 -9.43 -23.15 -15.66
CA SER C 44 -9.18 -21.99 -14.80
C SER C 44 -10.05 -20.79 -15.18
N TYR C 45 -10.48 -20.70 -16.45
CA TYR C 45 -11.37 -19.62 -16.83
C TYR C 45 -12.74 -19.79 -16.20
N ILE C 46 -13.13 -21.03 -15.92
CA ILE C 46 -14.45 -21.33 -15.37
C ILE C 46 -14.42 -21.39 -13.85
N ASP C 47 -13.52 -22.19 -13.29
CA ASP C 47 -13.49 -22.47 -11.86
C ASP C 47 -12.53 -21.52 -11.14
N GLY C 48 -12.60 -21.56 -9.81
CA GLY C 48 -11.78 -20.70 -8.98
C GLY C 48 -12.61 -19.81 -8.08
N ILE D 1 12.31 -25.22 -13.98
CA ILE D 1 10.93 -25.28 -13.51
C ILE D 1 10.80 -26.22 -12.31
N VAL D 2 10.13 -25.76 -11.26
CA VAL D 2 9.87 -26.57 -10.07
C VAL D 2 8.45 -27.10 -10.14
N GLU D 3 8.26 -28.33 -9.67
CA GLU D 3 6.94 -28.98 -9.63
C GLU D 3 6.30 -29.03 -11.02
N GLY D 4 7.13 -29.22 -12.05
CA GLY D 4 6.68 -29.33 -13.41
C GLY D 4 6.70 -30.75 -13.93
N SER D 5 6.54 -30.85 -15.25
CA SER D 5 6.61 -32.13 -15.95
C SER D 5 7.34 -31.90 -17.26
N ASP D 6 7.81 -32.99 -17.86
CA ASP D 6 8.41 -32.90 -19.18
C ASP D 6 7.40 -32.38 -20.19
N ALA D 7 7.87 -31.54 -21.10
CA ALA D 7 7.04 -31.11 -22.22
C ALA D 7 6.90 -32.25 -23.22
N GLU D 8 5.78 -32.25 -23.93
CA GLU D 8 5.62 -33.15 -25.05
C GLU D 8 6.33 -32.55 -26.26
N ILE D 9 6.63 -33.40 -27.24
CA ILE D 9 7.32 -32.92 -28.44
C ILE D 9 6.43 -31.92 -29.16
N GLY D 10 6.97 -30.74 -29.44
CA GLY D 10 6.21 -29.71 -30.12
C GLY D 10 5.20 -29.00 -29.26
N MET D 11 5.18 -29.26 -27.95
CA MET D 11 4.23 -28.62 -27.05
C MET D 11 4.46 -27.12 -26.94
N SER D 12 5.71 -26.68 -27.00
CA SER D 12 6.07 -25.27 -26.95
C SER D 12 7.01 -24.96 -28.12
N PRO D 13 6.46 -24.88 -29.34
CA PRO D 13 7.33 -24.70 -30.51
C PRO D 13 7.96 -23.32 -30.58
N TRP D 14 7.58 -22.39 -29.73
CA TRP D 14 8.17 -21.06 -29.68
C TRP D 14 9.32 -20.96 -28.69
N GLN D 15 9.66 -22.06 -28.00
CA GLN D 15 10.70 -22.02 -26.98
C GLN D 15 12.08 -21.82 -27.60
N VAL D 16 12.85 -20.89 -27.05
CA VAL D 16 14.19 -20.54 -27.51
C VAL D 16 15.15 -20.72 -26.35
N MET D 17 16.39 -21.08 -26.69
CA MET D 17 17.51 -21.07 -25.75
C MET D 17 18.44 -19.92 -26.11
N LEU D 18 18.76 -19.09 -25.13
CA LEU D 18 19.81 -18.10 -25.30
C LEU D 18 21.13 -18.69 -24.80
N PHE D 19 22.13 -18.69 -25.66
CA PHE D 19 23.40 -19.33 -25.39
C PHE D 19 24.55 -18.34 -25.43
N ARG D 20 25.44 -18.46 -24.46
CA ARG D 20 26.74 -17.82 -24.53
C ARG D 20 27.62 -18.55 -25.53
N LYS D 21 28.22 -17.78 -26.44
CA LYS D 21 28.96 -18.34 -27.56
C LYS D 21 30.22 -19.03 -27.06
N SER D 22 31.21 -18.23 -26.61
CA SER D 22 32.39 -18.73 -25.91
C SER D 22 32.53 -18.06 -24.55
N PRO D 23 32.69 -18.83 -23.46
CA PRO D 23 32.60 -20.28 -23.39
C PRO D 23 31.14 -20.71 -23.39
N GLN D 24 30.84 -21.85 -24.02
CA GLN D 24 29.48 -22.24 -24.35
C GLN D 24 28.70 -22.56 -23.07
N GLU D 25 27.88 -21.62 -22.62
CA GLU D 25 26.94 -21.89 -21.53
C GLU D 25 25.55 -21.42 -21.92
N LEU D 26 24.55 -22.01 -21.26
CA LEU D 26 23.15 -21.67 -21.47
C LEU D 26 22.76 -20.54 -20.53
N LEU D 27 22.24 -19.44 -21.09
CA LEU D 27 21.90 -18.28 -20.28
C LEU D 27 20.42 -18.31 -19.90
N CYS D 28 19.62 -17.51 -20.58
CA CYS D 28 18.19 -17.42 -20.31
C CYS D 28 17.39 -18.30 -21.26
N GLY D 29 16.07 -18.28 -21.06
CA GLY D 29 15.14 -18.69 -22.08
C GLY D 29 14.73 -17.51 -22.95
N ALA D 30 13.97 -17.82 -23.99
CA ALA D 30 13.51 -16.80 -24.93
C ALA D 30 12.36 -17.37 -25.73
N SER D 31 11.73 -16.53 -26.54
CA SER D 31 10.53 -16.91 -27.27
C SER D 31 10.57 -16.35 -28.68
N LEU D 32 10.17 -17.17 -29.65
CA LEU D 32 10.19 -16.82 -31.06
C LEU D 32 8.84 -16.21 -31.44
N ILE D 33 8.86 -14.95 -31.86
CA ILE D 33 7.64 -14.22 -32.20
C ILE D 33 7.56 -13.86 -33.67
N SER D 34 8.56 -14.19 -34.47
CA SER D 34 8.47 -14.11 -35.92
C SER D 34 9.58 -14.98 -36.51
N ASP D 35 9.87 -14.80 -37.79
CA ASP D 35 10.95 -15.53 -38.41
C ASP D 35 12.30 -14.87 -38.16
N ARG D 36 12.32 -13.60 -37.76
CA ARG D 36 13.57 -12.89 -37.50
C ARG D 36 13.65 -12.33 -36.09
N TRP D 37 12.63 -12.50 -35.26
CA TRP D 37 12.53 -11.83 -33.98
C TRP D 37 12.39 -12.83 -32.84
N VAL D 38 13.21 -12.67 -31.81
CA VAL D 38 13.17 -13.49 -30.61
C VAL D 38 13.16 -12.56 -29.41
N LEU D 39 12.35 -12.89 -28.41
CA LEU D 39 12.05 -12.02 -27.29
C LEU D 39 12.57 -12.66 -26.00
N THR D 40 13.15 -11.84 -25.13
CA THR D 40 13.69 -12.33 -23.87
C THR D 40 13.66 -11.21 -22.83
N ALA D 41 14.15 -11.53 -21.63
CA ALA D 41 14.27 -10.53 -20.57
C ALA D 41 15.58 -9.78 -20.69
N ALA D 42 15.56 -8.51 -20.27
CA ALA D 42 16.74 -7.67 -20.43
C ALA D 42 17.89 -8.13 -19.54
N HIS D 43 17.60 -8.54 -18.30
CA HIS D 43 18.65 -8.91 -17.38
C HIS D 43 19.44 -10.13 -17.86
N CYS D 44 18.99 -10.77 -18.93
CA CYS D 44 19.75 -11.86 -19.53
C CYS D 44 21.00 -11.34 -20.22
N LEU D 45 20.90 -10.13 -20.76
CA LEU D 45 21.94 -9.46 -21.53
C LEU D 45 22.71 -8.47 -20.65
N LEU D 46 21.98 -7.67 -19.88
CA LEU D 46 22.50 -6.51 -19.17
C LEU D 46 22.15 -6.61 -17.69
N TYR D 47 23.13 -6.99 -16.87
CA TYR D 47 23.02 -6.91 -15.43
C TYR D 47 24.33 -6.38 -14.89
N PRO D 48 24.44 -5.07 -14.72
CA PRO D 48 25.72 -4.43 -14.32
C PRO D 48 26.23 -4.93 -12.97
N PRO D 49 25.36 -5.32 -12.02
CA PRO D 49 25.90 -5.86 -10.76
C PRO D 49 26.74 -7.11 -10.95
N TRP D 50 26.63 -7.78 -12.09
CA TRP D 50 27.49 -8.91 -12.42
C TRP D 50 28.52 -8.55 -13.48
N ASP D 51 28.78 -7.24 -13.66
CA ASP D 51 29.56 -6.68 -14.77
C ASP D 51 29.26 -7.45 -16.04
N LYS D 52 27.98 -7.76 -16.24
CA LYS D 52 27.52 -8.73 -17.23
C LYS D 52 26.81 -7.97 -18.33
N ASN D 53 27.43 -7.95 -19.51
CA ASN D 53 27.00 -7.15 -20.64
C ASN D 53 27.22 -8.00 -21.87
N PHE D 54 26.15 -8.19 -22.66
CA PHE D 54 26.22 -9.07 -23.83
C PHE D 54 25.78 -8.32 -25.09
N THR D 55 26.46 -8.60 -26.18
CA THR D 55 26.22 -7.98 -27.47
C THR D 55 25.83 -9.09 -28.46
N GLU D 56 25.46 -8.69 -29.67
CA GLU D 56 25.10 -9.64 -30.73
C GLU D 56 26.13 -10.75 -30.89
N ASN D 57 27.39 -10.36 -31.11
CA ASN D 57 28.45 -11.31 -31.41
C ASN D 57 28.88 -12.13 -30.21
N ASP D 58 28.24 -11.94 -29.06
CA ASP D 58 28.54 -12.73 -27.87
C ASP D 58 27.63 -13.93 -27.70
N LEU D 59 26.46 -13.92 -28.34
CA LEU D 59 25.40 -14.88 -28.06
C LEU D 59 24.91 -15.56 -29.32
N LEU D 60 24.15 -16.64 -29.11
CA LEU D 60 23.46 -17.33 -30.18
C LEU D 60 22.19 -17.97 -29.59
N VAL D 61 21.21 -18.18 -30.44
CA VAL D 61 19.93 -18.74 -30.03
C VAL D 61 19.76 -20.11 -30.66
N ARG D 62 19.04 -20.98 -29.97
CA ARG D 62 18.78 -22.34 -30.43
C ARG D 62 17.27 -22.58 -30.41
N ILE D 63 16.68 -22.75 -31.58
CA ILE D 63 15.23 -22.79 -31.77
C ILE D 63 14.81 -24.24 -31.95
N GLY D 64 13.69 -24.61 -31.34
CA GLY D 64 13.08 -25.90 -31.63
C GLY D 64 13.79 -27.08 -30.99
N LYS D 65 14.04 -27.00 -29.69
CA LYS D 65 14.74 -28.07 -28.98
C LYS D 65 13.81 -28.75 -27.99
N HIS D 66 14.24 -29.93 -27.55
CA HIS D 66 13.54 -30.68 -26.52
C HIS D 66 14.51 -31.11 -25.42
N SER D 67 15.50 -31.92 -25.78
CA SER D 67 16.54 -32.31 -24.83
C SER D 67 17.58 -31.21 -24.71
N ARG D 68 17.87 -30.79 -23.47
CA ARG D 68 18.89 -29.78 -23.25
C ARG D 68 20.28 -30.32 -23.51
N THR D 69 20.52 -31.59 -23.24
CA THR D 69 21.80 -32.21 -23.55
C THR D 69 21.94 -32.43 -25.05
N ARG D 70 21.17 -33.38 -25.60
CA ARG D 70 21.31 -33.89 -26.95
C ARG D 70 21.34 -32.80 -28.01
N TYR D 71 22.00 -33.09 -29.14
CA TYR D 71 21.95 -32.24 -30.33
C TYR D 71 20.90 -32.82 -31.27
N GLU D 72 19.78 -32.13 -31.40
CA GLU D 72 18.69 -32.60 -32.24
C GLU D 72 19.00 -32.23 -33.68
N ARG D 73 19.65 -33.15 -34.38
CA ARG D 73 20.16 -32.90 -35.72
C ARG D 73 19.00 -32.65 -36.69
N ASN D 74 19.03 -31.50 -37.34
CA ASN D 74 18.04 -31.05 -38.30
C ASN D 74 16.66 -30.85 -37.67
N ILE D 75 16.56 -30.99 -36.35
CA ILE D 75 15.37 -30.59 -35.61
C ILE D 75 15.51 -29.17 -35.08
N GLU D 76 16.64 -28.89 -34.43
CA GLU D 76 16.91 -27.60 -33.84
C GLU D 76 17.67 -26.71 -34.80
N LYS D 77 17.39 -25.41 -34.75
CA LYS D 77 18.10 -24.41 -35.54
C LYS D 77 18.89 -23.50 -34.61
N ILE D 78 20.16 -23.29 -34.94
CA ILE D 78 21.01 -22.33 -34.24
C ILE D 78 21.18 -21.12 -35.14
N SER D 79 20.84 -19.96 -34.61
CA SER D 79 20.96 -18.70 -35.32
C SER D 79 21.88 -17.77 -34.56
N MET D 80 22.70 -17.03 -35.29
CA MET D 80 23.39 -15.90 -34.69
C MET D 80 22.54 -14.65 -34.82
N LEU D 81 22.91 -13.61 -34.09
CA LEU D 81 22.04 -12.48 -33.83
C LEU D 81 22.56 -11.23 -34.53
N GLU D 82 21.69 -10.58 -35.31
CA GLU D 82 22.07 -9.34 -35.96
C GLU D 82 22.18 -8.21 -34.95
N LYS D 83 21.21 -8.08 -34.05
CA LYS D 83 21.26 -6.98 -33.10
C LYS D 83 20.57 -7.37 -31.79
N ILE D 84 20.94 -6.65 -30.74
CA ILE D 84 20.35 -6.77 -29.41
C ILE D 84 19.76 -5.42 -29.04
N TYR D 85 18.44 -5.38 -28.83
CA TYR D 85 17.73 -4.16 -28.44
C TYR D 85 17.17 -4.35 -27.04
N ILE D 86 17.69 -3.60 -26.08
CA ILE D 86 17.18 -3.60 -24.72
C ILE D 86 16.20 -2.43 -24.59
N HIS D 87 15.27 -2.54 -23.65
CA HIS D 87 14.32 -1.45 -23.45
C HIS D 87 15.07 -0.20 -22.98
N PRO D 88 14.65 0.99 -23.42
CA PRO D 88 15.35 2.21 -23.00
C PRO D 88 15.31 2.43 -21.49
N ARG D 89 14.26 1.94 -20.82
CA ARG D 89 13.98 2.28 -19.43
C ARG D 89 14.10 1.09 -18.48
N TYR D 90 14.80 0.04 -18.90
CA TYR D 90 14.97 -1.13 -18.05
C TYR D 90 15.80 -0.78 -16.83
N ASN D 91 15.21 -0.99 -15.65
CA ASN D 91 15.78 -0.53 -14.38
C ASN D 91 16.45 -1.71 -13.67
N TRP D 92 17.72 -1.95 -14.00
CA TRP D 92 18.44 -3.06 -13.37
C TRP D 92 18.68 -2.84 -11.88
N ARG D 93 18.38 -1.65 -11.37
CA ARG D 93 18.54 -1.33 -9.95
C ARG D 93 17.15 -1.31 -9.32
N GLU D 94 17.01 -2.05 -8.21
CA GLU D 94 15.77 -2.15 -7.44
C GLU D 94 14.71 -3.02 -8.12
N ASN D 95 13.79 -2.43 -8.88
CA ASN D 95 12.53 -3.10 -9.24
C ASN D 95 12.62 -4.01 -10.45
N LEU D 96 13.60 -3.79 -11.33
CA LEU D 96 13.73 -4.58 -12.59
C LEU D 96 12.59 -4.19 -13.52
N ASP D 97 12.13 -2.95 -13.46
CA ASP D 97 10.99 -2.59 -14.27
C ASP D 97 11.36 -2.65 -15.75
N ARG D 98 10.42 -3.12 -16.56
CA ARG D 98 10.61 -3.25 -18.01
C ARG D 98 11.77 -4.19 -18.33
N ASP D 99 11.74 -5.39 -17.73
CA ASP D 99 12.74 -6.43 -17.97
C ASP D 99 12.42 -7.15 -19.29
N ILE D 100 12.60 -6.41 -20.39
CA ILE D 100 12.26 -6.88 -21.72
C ILE D 100 13.42 -6.56 -22.66
N ALA D 101 13.53 -7.33 -23.73
CA ALA D 101 14.60 -7.16 -24.72
C ALA D 101 14.23 -7.92 -25.98
N LEU D 102 14.71 -7.41 -27.11
CA LEU D 102 14.47 -8.03 -28.42
C LEU D 102 15.79 -8.32 -29.11
N MET D 103 15.89 -9.51 -29.70
CA MET D 103 17.11 -9.89 -30.43
C MET D 103 16.73 -10.21 -31.88
N LYS D 104 17.40 -9.59 -32.85
CA LYS D 104 17.08 -9.81 -34.28
C LYS D 104 17.97 -10.94 -34.80
N LEU D 105 17.38 -11.86 -35.54
CA LEU D 105 18.14 -13.01 -36.08
C LEU D 105 18.87 -12.57 -37.34
N LYS D 106 20.10 -13.06 -37.52
CA LYS D 106 20.88 -12.74 -38.72
C LYS D 106 20.16 -13.22 -39.97
N LYS D 107 19.87 -14.53 -40.05
CA LYS D 107 19.14 -15.17 -41.13
C LYS D 107 17.78 -15.63 -40.63
N PRO D 108 16.72 -15.42 -41.42
CA PRO D 108 15.39 -15.88 -41.00
C PRO D 108 15.36 -17.38 -40.79
N VAL D 109 14.67 -17.80 -39.71
CA VAL D 109 14.57 -19.20 -39.34
C VAL D 109 13.42 -19.84 -40.11
N ALA D 110 13.58 -21.12 -40.43
CA ALA D 110 12.57 -21.89 -41.15
C ALA D 110 11.65 -22.56 -40.15
N PHE D 111 10.36 -22.22 -40.20
CA PHE D 111 9.39 -22.84 -39.31
C PHE D 111 9.20 -24.32 -39.66
N SER D 112 8.77 -25.09 -38.67
CA SER D 112 8.66 -26.53 -38.79
C SER D 112 7.57 -27.02 -37.83
N ASP D 113 7.43 -28.36 -37.75
CA ASP D 113 6.59 -28.92 -36.69
C ASP D 113 7.12 -28.57 -35.31
N TYR D 114 8.42 -28.31 -35.20
CA TYR D 114 9.05 -28.02 -33.92
C TYR D 114 9.45 -26.56 -33.77
N ILE D 115 9.37 -25.76 -34.83
CA ILE D 115 9.67 -24.33 -34.78
C ILE D 115 8.45 -23.59 -35.30
N HIS D 116 7.71 -22.95 -34.40
CA HIS D 116 6.57 -22.16 -34.81
C HIS D 116 6.44 -20.98 -33.86
N PRO D 117 6.09 -19.80 -34.35
CA PRO D 117 6.06 -18.61 -33.49
C PRO D 117 4.79 -18.52 -32.64
N VAL D 118 4.92 -17.73 -31.57
CA VAL D 118 3.82 -17.46 -30.65
C VAL D 118 3.14 -16.16 -31.07
N CYS D 119 1.91 -15.97 -30.60
CA CYS D 119 1.19 -14.72 -30.81
C CYS D 119 1.46 -13.74 -29.67
N LEU D 120 1.60 -12.47 -30.01
CA LEU D 120 1.62 -11.43 -28.98
C LEU D 120 0.21 -10.89 -28.76
N PRO D 121 -0.15 -10.53 -27.53
CA PRO D 121 -1.57 -10.29 -27.24
C PRO D 121 -2.06 -8.96 -27.80
N ASP D 122 -3.32 -8.94 -28.23
CA ASP D 122 -3.95 -7.70 -28.61
C ASP D 122 -4.61 -7.07 -27.40
N ARG D 123 -5.21 -5.89 -27.60
CA ARG D 123 -5.75 -5.14 -26.47
C ARG D 123 -6.84 -5.91 -25.75
N GLU D 124 -7.67 -6.65 -26.49
CA GLU D 124 -8.77 -7.38 -25.88
C GLU D 124 -8.33 -8.73 -25.34
N THR D 125 -7.36 -9.38 -25.98
CA THR D 125 -6.87 -10.65 -25.46
C THR D 125 -6.19 -10.46 -24.11
N ALA D 126 -5.36 -9.42 -23.99
CA ALA D 126 -4.78 -9.08 -22.70
C ALA D 126 -5.85 -8.78 -21.67
N ALA D 127 -6.85 -7.98 -22.06
CA ALA D 127 -7.94 -7.65 -21.14
C ALA D 127 -8.67 -8.91 -20.67
N SER D 128 -9.09 -9.74 -21.62
CA SER D 128 -9.95 -10.88 -21.26
C SER D 128 -9.17 -11.97 -20.52
N LEU D 129 -7.92 -12.21 -20.90
CA LEU D 129 -7.19 -13.35 -20.34
C LEU D 129 -6.43 -13.01 -19.06
N LEU D 130 -6.07 -11.76 -18.82
CA LEU D 130 -5.25 -11.39 -17.65
C LEU D 130 -6.17 -11.18 -16.45
N GLN D 131 -6.67 -12.29 -15.91
CA GLN D 131 -7.57 -12.28 -14.78
C GLN D 131 -7.03 -13.17 -13.68
N ALA D 132 -7.14 -12.70 -12.44
CA ALA D 132 -6.66 -13.47 -11.30
C ALA D 132 -7.36 -14.82 -11.22
N GLY D 133 -6.59 -15.88 -11.02
CA GLY D 133 -7.11 -17.23 -10.97
C GLY D 133 -7.02 -17.97 -12.28
N TYR D 134 -7.08 -17.28 -13.41
CA TYR D 134 -6.75 -17.92 -14.68
C TYR D 134 -5.30 -18.39 -14.65
N LYS D 135 -5.03 -19.51 -15.30
CA LYS D 135 -3.70 -20.07 -15.29
C LYS D 135 -3.00 -19.83 -16.62
N GLY D 136 -1.69 -19.62 -16.55
CA GLY D 136 -0.82 -19.60 -17.70
C GLY D 136 0.21 -20.70 -17.60
N ARG D 137 1.00 -20.87 -18.66
CA ARG D 137 1.98 -21.94 -18.74
C ARG D 137 3.39 -21.38 -18.83
N VAL D 138 4.29 -21.91 -18.01
CA VAL D 138 5.69 -21.51 -17.96
C VAL D 138 6.53 -22.72 -18.35
N THR D 139 7.55 -22.48 -19.17
CA THR D 139 8.42 -23.53 -19.67
C THR D 139 9.87 -23.07 -19.63
N GLY D 140 10.77 -23.99 -19.33
CA GLY D 140 12.19 -23.67 -19.32
C GLY D 140 13.01 -24.89 -19.00
N TRP D 141 14.33 -24.72 -19.13
CA TRP D 141 15.32 -25.72 -18.78
C TRP D 141 16.02 -25.40 -17.46
N GLY D 142 15.42 -24.54 -16.64
CA GLY D 142 16.02 -24.12 -15.40
C GLY D 142 16.04 -25.22 -14.34
N ASN D 143 16.50 -24.84 -13.15
CA ASN D 143 16.67 -25.82 -12.09
C ASN D 143 15.34 -26.38 -11.62
N LEU D 144 15.34 -27.68 -11.32
CA LEU D 144 14.15 -28.38 -10.84
C LEU D 144 13.80 -28.00 -9.41
N LYS D 145 14.76 -27.44 -8.67
CA LYS D 145 14.52 -26.98 -7.31
C LYS D 145 15.57 -25.92 -7.00
N GLU D 146 15.32 -25.14 -5.95
CA GLU D 146 16.21 -24.05 -5.57
C GLU D 146 17.49 -24.60 -4.96
N THR D 147 18.61 -24.51 -5.69
CA THR D 147 19.85 -25.11 -5.23
C THR D 147 21.05 -24.28 -5.66
N TRP D 148 22.22 -24.73 -5.20
CA TRP D 148 23.51 -24.31 -5.71
C TRP D 148 24.25 -25.45 -6.38
N THR D 149 23.68 -26.65 -6.41
CA THR D 149 24.34 -27.82 -7.00
C THR D 149 24.48 -27.67 -8.51
N LYS D 154 21.50 -34.23 -12.32
CA LYS D 154 22.09 -33.14 -11.56
C LYS D 154 21.02 -32.17 -11.06
N GLY D 155 21.38 -30.88 -11.00
CA GLY D 155 20.40 -29.89 -10.60
C GLY D 155 19.48 -29.44 -11.72
N GLN D 156 19.64 -29.96 -12.92
CA GLN D 156 19.00 -29.45 -14.12
C GLN D 156 18.29 -30.57 -14.87
N PRO D 157 17.27 -30.22 -15.66
CA PRO D 157 16.51 -31.26 -16.36
C PRO D 157 17.08 -31.64 -17.71
N SER D 158 16.83 -32.91 -18.07
CA SER D 158 17.29 -33.43 -19.35
C SER D 158 16.46 -32.89 -20.50
N VAL D 159 15.15 -32.73 -20.28
CA VAL D 159 14.23 -32.27 -21.31
C VAL D 159 13.47 -31.06 -20.79
N LEU D 160 12.91 -30.30 -21.73
CA LEU D 160 12.14 -29.10 -21.39
C LEU D 160 11.05 -29.42 -20.39
N GLN D 161 10.83 -28.50 -19.46
CA GLN D 161 9.84 -28.67 -18.40
C GLN D 161 8.72 -27.67 -18.60
N VAL D 162 7.55 -28.00 -18.05
CA VAL D 162 6.35 -27.20 -18.23
C VAL D 162 5.55 -27.20 -16.93
N VAL D 163 5.00 -26.04 -16.58
CA VAL D 163 4.19 -25.90 -15.38
C VAL D 163 3.05 -24.93 -15.67
N ASN D 164 1.89 -25.19 -15.06
CA ASN D 164 0.73 -24.32 -15.18
C ASN D 164 0.49 -23.63 -13.85
N LEU D 165 0.63 -22.30 -13.84
CA LEU D 165 0.56 -21.51 -12.63
C LEU D 165 -0.52 -20.44 -12.77
N PRO D 166 -1.24 -20.15 -11.69
CA PRO D 166 -2.33 -19.17 -11.78
C PRO D 166 -1.86 -17.74 -11.57
N ILE D 167 -2.55 -16.82 -12.26
CA ILE D 167 -2.31 -15.40 -12.03
C ILE D 167 -2.80 -15.02 -10.64
N VAL D 168 -2.08 -14.10 -10.00
CA VAL D 168 -2.34 -13.73 -8.61
C VAL D 168 -2.85 -12.29 -8.57
N GLU D 169 -3.74 -12.03 -7.62
CA GLU D 169 -4.29 -10.68 -7.43
C GLU D 169 -3.17 -9.71 -7.11
N ARG D 170 -3.25 -8.51 -7.68
CA ARG D 170 -2.17 -7.53 -7.51
C ARG D 170 -1.87 -7.25 -6.05
N PRO D 171 -2.85 -7.04 -5.16
CA PRO D 171 -2.49 -6.78 -3.75
C PRO D 171 -1.70 -7.91 -3.10
N VAL D 172 -2.01 -9.16 -3.44
CA VAL D 172 -1.27 -10.28 -2.88
C VAL D 172 0.17 -10.26 -3.37
N CYS D 173 0.37 -9.91 -4.64
CA CYS D 173 1.72 -9.77 -5.19
C CYS D 173 2.51 -8.76 -4.36
N LYS D 174 1.94 -7.57 -4.18
CA LYS D 174 2.63 -6.49 -3.47
C LYS D 174 2.99 -6.88 -2.06
N ASP D 175 2.10 -7.59 -1.36
CA ASP D 175 2.34 -7.98 0.03
C ASP D 175 3.34 -9.10 0.17
N SER D 176 3.88 -9.62 -0.93
CA SER D 176 4.85 -10.69 -0.88
C SER D 176 6.29 -10.20 -0.95
N THR D 177 6.54 -9.02 -1.51
CA THR D 177 7.88 -8.60 -1.87
C THR D 177 8.20 -7.23 -1.29
N ARG D 178 9.42 -7.09 -0.77
CA ARG D 178 9.96 -5.78 -0.44
C ARG D 178 10.25 -4.95 -1.68
N ILE D 179 10.37 -5.61 -2.84
CA ILE D 179 10.66 -4.90 -4.08
C ILE D 179 9.45 -4.06 -4.48
N ARG D 180 9.72 -2.84 -4.93
CA ARG D 180 8.66 -1.94 -5.36
C ARG D 180 8.16 -2.39 -6.73
N ILE D 181 6.96 -2.96 -6.76
CA ILE D 181 6.37 -3.48 -7.99
C ILE D 181 6.01 -2.32 -8.91
N THR D 182 5.75 -2.64 -10.18
CA THR D 182 5.26 -1.68 -11.16
C THR D 182 4.12 -2.33 -11.95
N ASP D 183 3.46 -1.52 -12.77
CA ASP D 183 2.41 -2.06 -13.64
C ASP D 183 2.98 -2.85 -14.82
N ASN D 184 4.28 -2.77 -15.06
CA ASN D 184 4.93 -3.58 -16.09
C ASN D 184 5.27 -4.98 -15.59
N MET D 185 4.72 -5.38 -14.44
CA MET D 185 4.89 -6.71 -13.90
C MET D 185 3.52 -7.30 -13.58
N PHE D 186 3.47 -8.62 -13.53
CA PHE D 186 2.40 -9.34 -12.88
C PHE D 186 3.03 -10.57 -12.26
N CYS D 187 2.33 -11.17 -11.30
CA CYS D 187 2.90 -12.30 -10.57
C CYS D 187 1.92 -13.48 -10.60
N ALA D 188 2.50 -14.68 -10.62
CA ALA D 188 1.74 -15.90 -10.79
C ALA D 188 2.33 -16.99 -9.91
N GLY D 189 1.47 -17.90 -9.49
CA GLY D 189 1.84 -18.99 -8.60
C GLY D 189 0.70 -19.28 -7.64
N TYR D 190 0.74 -20.49 -7.08
CA TYR D 190 -0.29 -20.90 -6.15
C TYR D 190 -0.05 -20.24 -4.79
N LYS D 191 -1.14 -19.87 -4.13
CA LYS D 191 -1.05 -19.44 -2.74
C LYS D 191 -0.63 -20.63 -1.87
N PRO D 192 -0.08 -20.37 -0.68
CA PRO D 192 0.39 -21.49 0.16
C PRO D 192 -0.70 -22.48 0.52
N ASP D 193 -1.85 -21.99 0.97
CA ASP D 193 -2.95 -22.87 1.37
C ASP D 193 -3.69 -23.48 0.20
N GLU D 194 -3.30 -23.19 -1.04
CA GLU D 194 -3.98 -23.81 -2.18
C GLU D 194 -3.58 -25.26 -2.39
N GLY D 195 -2.63 -25.78 -1.62
CA GLY D 195 -2.29 -27.20 -1.69
C GLY D 195 -1.65 -27.66 -2.97
N LYS D 196 -1.03 -26.74 -3.72
CA LYS D 196 -0.37 -27.08 -4.97
C LYS D 196 0.83 -26.16 -5.13
N ARG D 197 1.88 -26.65 -5.80
CA ARG D 197 3.12 -25.91 -5.92
C ARG D 197 3.54 -25.75 -7.38
N GLY D 198 4.61 -24.99 -7.57
CA GLY D 198 5.23 -24.80 -8.86
C GLY D 198 5.76 -23.38 -9.01
N ASP D 199 6.84 -23.24 -9.78
CA ASP D 199 7.42 -21.96 -10.12
C ASP D 199 8.50 -22.17 -11.17
N ALA D 200 8.88 -21.08 -11.83
CA ALA D 200 10.15 -21.07 -12.55
C ALA D 200 11.31 -21.05 -11.55
N CYS D 201 12.51 -21.24 -12.06
CA CYS D 201 13.69 -21.24 -11.21
C CYS D 201 14.86 -20.67 -12.02
N GLU D 202 16.07 -20.83 -11.49
CA GLU D 202 17.25 -20.26 -12.14
C GLU D 202 17.48 -20.88 -13.51
N GLY D 203 17.64 -20.03 -14.52
CA GLY D 203 17.78 -20.45 -15.89
C GLY D 203 16.50 -20.37 -16.70
N ASP D 204 15.35 -20.34 -16.03
CA ASP D 204 14.06 -20.21 -16.70
C ASP D 204 13.75 -18.76 -17.09
N SER D 205 14.57 -17.81 -16.63
CA SER D 205 14.33 -16.40 -16.90
C SER D 205 14.38 -16.11 -18.40
N GLY D 206 13.74 -15.02 -18.79
CA GLY D 206 13.58 -14.68 -20.18
C GLY D 206 12.63 -15.57 -20.96
N GLY D 207 12.07 -16.60 -20.32
CA GLY D 207 11.23 -17.55 -21.00
C GLY D 207 9.80 -17.05 -21.16
N PRO D 208 8.97 -17.87 -21.83
CA PRO D 208 7.62 -17.41 -22.17
C PRO D 208 6.55 -17.86 -21.19
N PHE D 209 5.73 -16.91 -20.74
CA PHE D 209 4.54 -17.17 -19.95
C PHE D 209 3.36 -17.03 -20.90
N VAL D 210 2.72 -18.16 -21.23
CA VAL D 210 1.73 -18.20 -22.30
C VAL D 210 0.37 -18.58 -21.74
N MET D 211 -0.66 -18.23 -22.51
CA MET D 211 -2.06 -18.50 -22.20
C MET D 211 -2.79 -18.79 -23.50
N LYS D 212 -3.59 -19.85 -23.51
CA LYS D 212 -4.38 -20.20 -24.68
C LYS D 212 -5.73 -19.50 -24.63
N SER D 213 -6.07 -18.83 -25.72
CA SER D 213 -7.32 -18.05 -25.73
C SER D 213 -8.48 -18.94 -26.14
N PRO D 214 -9.60 -18.90 -25.41
CA PRO D 214 -10.77 -19.70 -25.81
C PRO D 214 -11.43 -19.22 -27.08
N PHE D 215 -11.15 -17.99 -27.54
CA PHE D 215 -11.86 -17.42 -28.67
C PHE D 215 -11.30 -17.89 -30.01
N ASN D 216 -9.98 -17.83 -30.19
CA ASN D 216 -9.35 -18.25 -31.43
C ASN D 216 -8.57 -19.54 -31.31
N ASN D 217 -8.53 -20.15 -30.12
CA ASN D 217 -7.77 -21.37 -29.87
C ASN D 217 -6.27 -21.16 -30.11
N ARG D 218 -5.82 -19.91 -30.04
CA ARG D 218 -4.43 -19.52 -30.28
C ARG D 218 -3.71 -19.27 -28.96
N TRP D 219 -2.43 -19.59 -28.94
CA TRP D 219 -1.59 -19.36 -27.77
C TRP D 219 -1.01 -17.95 -27.84
N TYR D 220 -1.10 -17.23 -26.73
CA TYR D 220 -0.61 -15.85 -26.62
C TYR D 220 0.42 -15.76 -25.51
N GLN D 221 1.52 -15.04 -25.77
CA GLN D 221 2.52 -14.80 -24.75
C GLN D 221 2.13 -13.57 -23.93
N MET D 222 1.89 -13.78 -22.64
CA MET D 222 1.45 -12.71 -21.76
C MET D 222 2.53 -12.21 -20.82
N GLY D 223 3.54 -13.04 -20.51
CA GLY D 223 4.60 -12.63 -19.63
C GLY D 223 5.95 -13.12 -20.12
N ILE D 224 6.99 -12.45 -19.61
CA ILE D 224 8.36 -12.92 -19.70
C ILE D 224 8.84 -13.18 -18.28
N VAL D 225 9.34 -14.39 -18.04
CA VAL D 225 9.88 -14.77 -16.73
C VAL D 225 10.93 -13.75 -16.31
N SER D 226 10.61 -12.97 -15.28
CA SER D 226 11.50 -11.89 -14.86
C SER D 226 12.30 -12.30 -13.63
N TRP D 227 11.67 -12.29 -12.46
CA TRP D 227 12.41 -12.49 -11.23
C TRP D 227 11.54 -13.18 -10.19
N GLY D 228 12.20 -13.62 -9.12
CA GLY D 228 11.54 -14.24 -8.00
C GLY D 228 12.51 -14.46 -6.85
N GLU D 229 12.12 -14.07 -5.65
CA GLU D 229 12.92 -14.32 -4.46
C GLU D 229 12.89 -15.80 -4.16
N GLY D 230 13.87 -16.54 -4.70
CA GLY D 230 13.96 -17.97 -4.52
C GLY D 230 13.30 -18.78 -5.62
N CYS D 231 12.91 -20.01 -5.29
CA CYS D 231 12.16 -20.87 -6.20
C CYS D 231 11.11 -21.62 -5.39
N ASP D 232 9.84 -21.38 -5.70
CA ASP D 232 8.72 -22.14 -5.16
C ASP D 232 8.67 -22.04 -3.64
N ARG D 233 8.70 -20.80 -3.14
CA ARG D 233 8.64 -20.52 -1.72
C ARG D 233 7.24 -20.11 -1.31
N ASP D 234 6.85 -20.49 -0.09
CA ASP D 234 5.53 -20.18 0.42
C ASP D 234 5.41 -18.68 0.70
N GLY D 235 4.31 -18.08 0.24
CA GLY D 235 4.14 -16.64 0.29
C GLY D 235 4.90 -15.88 -0.76
N LYS D 236 5.68 -16.57 -1.59
CA LYS D 236 6.44 -15.96 -2.66
C LYS D 236 5.87 -16.38 -4.01
N TYR D 237 6.08 -15.53 -5.01
CA TYR D 237 5.52 -15.76 -6.33
C TYR D 237 6.54 -15.37 -7.38
N GLY D 238 6.35 -15.92 -8.57
CA GLY D 238 7.17 -15.50 -9.70
C GLY D 238 6.63 -14.22 -10.31
N PHE D 239 7.55 -13.43 -10.86
CA PHE D 239 7.20 -12.14 -11.43
C PHE D 239 7.54 -12.12 -12.91
N TYR D 240 6.61 -11.64 -13.71
CA TYR D 240 6.64 -11.80 -15.15
C TYR D 240 6.43 -10.45 -15.81
N THR D 241 7.22 -10.16 -16.83
CA THR D 241 7.16 -8.85 -17.48
C THR D 241 5.88 -8.74 -18.30
N HIS D 242 5.05 -7.75 -17.97
CA HIS D 242 3.75 -7.56 -18.61
C HIS D 242 3.95 -7.27 -20.09
N VAL D 243 3.80 -8.29 -20.92
CA VAL D 243 4.17 -8.18 -22.34
C VAL D 243 3.32 -7.14 -23.05
N PHE D 244 2.01 -7.12 -22.77
CA PHE D 244 1.14 -6.23 -23.52
C PHE D 244 1.42 -4.76 -23.23
N ARG D 245 1.72 -4.41 -21.98
CA ARG D 245 1.96 -3.02 -21.65
C ARG D 245 3.17 -2.48 -22.39
N LEU D 246 4.17 -3.33 -22.62
CA LEU D 246 5.36 -2.94 -23.36
C LEU D 246 5.27 -3.24 -24.85
N LYS D 247 4.07 -3.58 -25.35
CA LYS D 247 3.92 -3.84 -26.77
C LYS D 247 4.14 -2.59 -27.62
N LYS D 248 3.97 -1.41 -27.04
CA LYS D 248 4.35 -0.18 -27.72
C LYS D 248 5.83 -0.22 -28.13
N TRP D 249 6.70 -0.50 -27.16
CA TRP D 249 8.12 -0.64 -27.44
C TRP D 249 8.42 -1.71 -28.47
N ILE D 250 7.64 -2.80 -28.50
CA ILE D 250 7.94 -3.91 -29.37
C ILE D 250 7.74 -3.53 -30.84
N GLN D 251 6.64 -2.83 -31.14
CA GLN D 251 6.40 -2.42 -32.52
C GLN D 251 7.42 -1.39 -33.00
N LYS D 252 7.85 -0.49 -32.10
CA LYS D 252 8.87 0.49 -32.48
C LYS D 252 10.12 -0.20 -33.01
N VAL D 253 10.66 -1.14 -32.22
CA VAL D 253 11.86 -1.86 -32.64
C VAL D 253 11.59 -2.65 -33.92
N ILE D 254 10.45 -3.33 -33.99
CA ILE D 254 10.20 -4.26 -35.08
C ILE D 254 9.84 -3.51 -36.37
N ASP D 255 8.82 -2.65 -36.28
CA ASP D 255 8.34 -1.95 -37.52
C ASP D 255 9.49 -1.13 -38.11
N GLN D 256 10.50 -0.80 -37.31
CA GLN D 256 11.62 0.04 -37.81
C GLN D 256 12.82 -0.85 -38.18
N PHE D 257 13.54 -1.36 -37.17
CA PHE D 257 14.76 -2.16 -37.44
C PHE D 257 14.42 -3.44 -38.18
N GLY D 258 13.29 -4.07 -37.84
CA GLY D 258 12.86 -5.28 -38.57
C GLY D 258 12.44 -4.95 -39.99
N GLU E 19 13.38 20.42 1.90
CA GLU E 19 12.37 19.71 2.67
C GLU E 19 11.19 20.63 2.96
N ALA E 20 10.97 20.93 4.24
CA ALA E 20 9.93 21.88 4.64
C ALA E 20 10.49 23.11 5.33
N ASP E 21 11.81 23.22 5.48
CA ASP E 21 12.46 24.43 5.96
C ASP E 21 12.95 25.31 4.82
N CYS E 22 12.98 24.78 3.60
CA CYS E 22 13.62 25.44 2.47
C CYS E 22 12.94 26.76 2.11
N GLY E 23 13.71 27.62 1.43
CA GLY E 23 13.24 28.90 0.93
C GLY E 23 12.95 29.95 1.97
N LEU E 24 13.15 29.64 3.26
CA LEU E 24 12.83 30.56 4.34
C LEU E 24 14.14 31.18 4.83
N ARG E 25 14.39 32.42 4.39
CA ARG E 25 15.63 33.12 4.74
C ARG E 25 15.71 33.32 6.24
N PRO E 26 16.71 32.78 6.93
CA PRO E 26 16.76 32.92 8.40
C PRO E 26 16.86 34.36 8.87
N LEU E 27 17.72 35.17 8.25
CA LEU E 27 17.83 36.57 8.65
C LEU E 27 16.71 37.43 8.06
N PHE E 28 15.88 36.88 7.18
CA PHE E 28 14.85 37.66 6.52
C PHE E 28 13.46 37.07 6.72
N GLU E 29 13.26 35.81 6.34
CA GLU E 29 11.93 35.21 6.39
C GLU E 29 11.58 34.66 7.77
N LYS E 30 12.51 33.93 8.40
CA LYS E 30 12.29 33.49 9.77
C LYS E 30 12.16 34.68 10.71
N LYS E 31 12.99 35.70 10.52
CA LYS E 31 12.88 36.94 11.28
C LYS E 31 11.76 37.84 10.78
N SER E 32 11.16 37.52 9.62
CA SER E 32 10.07 38.28 9.01
C SER E 32 10.50 39.73 8.73
N LEU E 33 11.39 39.85 7.75
CA LEU E 33 11.83 41.16 7.27
C LEU E 33 12.06 41.09 5.76
N GLU E 34 11.97 42.27 5.12
CA GLU E 34 11.97 42.40 3.67
C GLU E 34 13.12 43.31 3.26
N ASP E 35 13.91 42.85 2.29
CA ASP E 35 15.05 43.62 1.83
C ASP E 35 14.61 44.75 0.90
N LYS E 36 15.58 45.57 0.48
CA LYS E 36 15.28 46.76 -0.33
C LYS E 36 14.52 46.41 -1.60
N THR E 37 14.95 45.37 -2.32
CA THR E 37 14.45 45.11 -3.66
C THR E 37 13.45 43.97 -3.74
N GLU E 38 13.19 43.26 -2.62
CA GLU E 38 12.08 42.31 -2.59
C GLU E 38 10.79 42.96 -3.09
N ARG E 39 10.55 44.18 -2.64
CA ARG E 39 9.59 45.13 -3.22
C ARG E 39 9.29 44.91 -4.70
N GLU E 40 10.33 44.92 -5.52
CA GLU E 40 10.17 45.09 -6.96
C GLU E 40 9.69 43.82 -7.64
N LEU E 41 10.04 42.64 -7.12
CA LEU E 41 9.55 41.40 -7.69
C LEU E 41 8.03 41.30 -7.57
N LEU E 42 7.47 41.79 -6.48
CA LEU E 42 6.05 41.61 -6.22
C LEU E 42 5.20 42.54 -7.07
N GLU E 43 5.64 43.79 -7.24
CA GLU E 43 4.99 44.69 -8.18
C GLU E 43 4.95 44.10 -9.58
N SER E 44 5.89 43.21 -9.90
CA SER E 44 5.91 42.59 -11.22
C SER E 44 4.80 41.56 -11.38
N TYR E 45 4.46 40.84 -10.30
CA TYR E 45 3.34 39.91 -10.39
C TYR E 45 2.00 40.62 -10.51
N ILE E 46 1.95 41.90 -10.12
CA ILE E 46 0.70 42.66 -10.10
C ILE E 46 0.19 42.88 -11.52
N ASP E 47 0.96 43.62 -12.32
CA ASP E 47 0.60 44.10 -13.66
C ASP E 47 -0.43 43.20 -14.35
N GLY E 48 -1.60 43.76 -14.65
CA GLY E 48 -2.69 42.98 -15.18
C GLY E 48 -3.37 42.12 -14.13
N ILE F 1 27.48 40.64 -12.52
CA ILE F 1 26.13 41.19 -12.58
C ILE F 1 26.16 42.64 -13.05
N VAL F 2 25.63 42.88 -14.26
CA VAL F 2 25.61 44.22 -14.82
C VAL F 2 24.37 44.95 -14.32
N GLU F 3 24.53 46.24 -13.98
CA GLU F 3 23.45 47.07 -13.47
C GLU F 3 22.77 46.44 -12.25
N GLY F 4 23.57 45.81 -11.40
CA GLY F 4 23.09 45.25 -10.16
C GLY F 4 23.29 46.19 -8.99
N SER F 5 23.27 45.62 -7.79
CA SER F 5 23.52 46.39 -6.57
C SER F 5 24.02 45.45 -5.49
N ASP F 6 24.69 46.03 -4.50
CA ASP F 6 25.27 45.24 -3.41
C ASP F 6 24.18 44.58 -2.59
N ALA F 7 24.23 43.25 -2.48
CA ALA F 7 23.23 42.52 -1.73
C ALA F 7 23.38 42.79 -0.23
N GLU F 8 22.26 43.02 0.43
CA GLU F 8 22.26 43.12 1.88
C GLU F 8 22.68 41.78 2.48
N ILE F 9 23.26 41.84 3.69
CA ILE F 9 23.83 40.63 4.29
C ILE F 9 22.73 39.58 4.47
N GLY F 10 23.04 38.35 4.06
CA GLY F 10 22.08 37.27 4.17
C GLY F 10 20.92 37.33 3.19
N MET F 11 20.97 38.24 2.22
CA MET F 11 19.91 38.31 1.20
C MET F 11 19.76 36.99 0.45
N SER F 12 20.82 36.21 0.37
CA SER F 12 20.89 35.06 -0.54
C SER F 12 21.60 33.89 0.13
N PRO F 13 21.04 33.36 1.22
CA PRO F 13 21.75 32.30 1.96
C PRO F 13 22.02 31.05 1.15
N TRP F 14 21.25 30.81 0.08
CA TRP F 14 21.52 29.69 -0.81
C TRP F 14 22.69 29.95 -1.74
N GLN F 15 23.15 31.19 -1.84
CA GLN F 15 24.24 31.52 -2.74
C GLN F 15 25.48 30.72 -2.37
N VAL F 16 26.10 30.09 -3.36
CA VAL F 16 27.32 29.33 -3.17
C VAL F 16 28.36 29.81 -4.17
N MET F 17 29.63 29.67 -3.79
CA MET F 17 30.77 30.12 -4.57
C MET F 17 31.54 28.89 -5.01
N LEU F 18 31.62 28.64 -6.32
CA LEU F 18 32.33 27.48 -6.83
C LEU F 18 33.77 27.88 -7.12
N PHE F 19 34.69 27.41 -6.29
CA PHE F 19 36.08 27.81 -6.36
C PHE F 19 36.95 26.70 -6.91
N ARG F 20 38.00 27.11 -7.60
CA ARG F 20 39.06 26.19 -7.99
C ARG F 20 40.10 26.11 -6.89
N LYS F 21 40.52 24.90 -6.57
CA LYS F 21 41.47 24.69 -5.47
C LYS F 21 42.81 25.37 -5.76
N SER F 22 43.53 24.87 -6.76
CA SER F 22 44.77 25.48 -7.23
C SER F 22 44.86 25.32 -8.74
N PRO F 23 44.97 26.43 -9.49
CA PRO F 23 45.07 27.82 -9.04
C PRO F 23 43.76 28.35 -8.47
N GLN F 24 43.82 29.09 -7.36
CA GLN F 24 42.62 29.62 -6.73
C GLN F 24 41.91 30.59 -7.68
N GLU F 25 40.69 30.24 -8.04
CA GLU F 25 40.01 30.86 -9.17
C GLU F 25 38.52 30.69 -8.97
N LEU F 26 37.78 31.78 -8.84
CA LEU F 26 36.33 31.68 -8.75
C LEU F 26 35.77 31.24 -10.10
N LEU F 27 35.13 30.08 -10.11
CA LEU F 27 34.65 29.48 -11.34
C LEU F 27 33.22 29.91 -11.66
N CYS F 28 32.31 29.76 -10.70
CA CYS F 28 30.90 29.95 -11.00
C CYS F 28 30.16 30.33 -9.73
N GLY F 29 28.88 30.64 -9.91
CA GLY F 29 27.94 30.60 -8.82
C GLY F 29 27.28 29.24 -8.73
N ALA F 30 26.53 29.04 -7.66
CA ALA F 30 25.77 27.81 -7.47
C ALA F 30 24.75 28.07 -6.35
N SER F 31 23.93 27.07 -6.08
CA SER F 31 22.86 27.21 -5.11
C SER F 31 22.85 26.01 -4.18
N LEU F 32 22.36 26.22 -2.96
CA LEU F 32 22.31 25.21 -1.92
C LEU F 32 20.88 24.70 -1.82
N ILE F 33 20.67 23.41 -2.07
CA ILE F 33 19.33 22.83 -1.99
C ILE F 33 19.16 21.93 -0.75
N SER F 34 20.15 21.11 -0.45
CA SER F 34 20.07 20.24 0.72
C SER F 34 21.30 20.51 1.60
N ASP F 35 21.51 19.64 2.58
CA ASP F 35 22.72 19.78 3.39
C ASP F 35 23.94 19.16 2.74
N ARG F 36 23.77 18.36 1.67
CA ARG F 36 24.90 17.80 0.94
C ARG F 36 24.75 17.90 -0.57
N TRP F 37 23.75 18.63 -1.06
CA TRP F 37 23.52 18.79 -2.50
C TRP F 37 23.55 20.26 -2.87
N VAL F 38 24.25 20.57 -3.96
CA VAL F 38 24.33 21.91 -4.53
C VAL F 38 24.03 21.84 -6.02
N LEU F 39 23.35 22.87 -6.52
CA LEU F 39 22.91 22.93 -7.90
C LEU F 39 23.67 24.01 -8.65
N THR F 40 24.04 23.70 -9.89
CA THR F 40 24.81 24.62 -10.71
C THR F 40 24.67 24.20 -12.17
N ALA F 41 25.34 24.92 -13.06
CA ALA F 41 25.27 24.63 -14.48
C ALA F 41 26.36 23.67 -14.90
N ALA F 42 26.05 22.86 -15.92
CA ALA F 42 27.00 21.84 -16.35
C ALA F 42 28.23 22.45 -17.01
N HIS F 43 28.04 23.51 -17.81
CA HIS F 43 29.16 24.15 -18.49
C HIS F 43 30.19 24.72 -17.51
N CYS F 44 29.85 24.81 -16.23
CA CYS F 44 30.84 25.18 -15.21
C CYS F 44 31.87 24.08 -15.04
N LEU F 45 31.42 22.81 -15.04
CA LEU F 45 32.30 21.68 -14.83
C LEU F 45 32.84 21.12 -16.14
N LEU F 46 31.97 20.94 -17.13
CA LEU F 46 32.33 20.31 -18.39
C LEU F 46 31.97 21.22 -19.54
N TYR F 47 32.99 21.79 -20.19
CA TYR F 47 32.85 22.40 -21.50
C TYR F 47 34.03 21.91 -22.33
N PRO F 48 33.84 20.85 -23.11
CA PRO F 48 34.94 20.27 -23.91
C PRO F 48 35.63 21.29 -24.82
N PRO F 49 34.88 22.14 -25.55
CA PRO F 49 35.58 23.05 -26.48
C PRO F 49 36.66 23.90 -25.82
N TRP F 50 36.43 24.35 -24.59
CA TRP F 50 37.44 25.09 -23.85
C TRP F 50 38.23 24.18 -22.92
N ASP F 51 38.06 22.87 -23.06
CA ASP F 51 38.81 21.85 -22.33
C ASP F 51 38.58 21.97 -20.82
N LYS F 52 37.30 21.89 -20.45
CA LYS F 52 36.87 21.88 -19.07
C LYS F 52 36.27 20.52 -18.74
N ASN F 53 36.88 19.83 -17.78
CA ASN F 53 36.34 18.59 -17.24
C ASN F 53 36.68 18.54 -15.75
N PHE F 54 36.35 19.62 -15.05
CA PHE F 54 36.57 19.69 -13.61
C PHE F 54 35.93 18.50 -12.90
N THR F 55 36.58 18.07 -11.82
CA THR F 55 36.11 16.95 -11.03
C THR F 55 36.07 17.35 -9.56
N GLU F 56 35.68 16.39 -8.72
CA GLU F 56 35.46 16.66 -7.31
C GLU F 56 36.76 17.07 -6.62
N ASN F 57 37.88 16.45 -7.01
CA ASN F 57 39.17 16.80 -6.44
C ASN F 57 39.63 18.18 -6.86
N ASP F 58 39.10 18.71 -7.96
CA ASP F 58 39.58 19.97 -8.50
C ASP F 58 38.95 21.19 -7.83
N LEU F 59 37.79 21.03 -7.20
CA LEU F 59 36.99 22.17 -6.75
C LEU F 59 36.70 22.09 -5.26
N LEU F 60 36.19 23.21 -4.75
CA LEU F 60 35.62 23.31 -3.41
C LEU F 60 34.57 24.41 -3.43
N VAL F 61 33.59 24.30 -2.54
CA VAL F 61 32.44 25.19 -2.52
C VAL F 61 32.49 26.07 -1.27
N ARG F 62 32.22 27.36 -1.44
CA ARG F 62 32.23 28.33 -0.36
C ARG F 62 30.81 28.82 -0.11
N ILE F 63 30.38 28.77 1.15
CA ILE F 63 29.00 29.10 1.50
C ILE F 63 28.99 30.14 2.61
N GLY F 64 27.96 30.98 2.60
CA GLY F 64 27.82 32.06 3.55
C GLY F 64 28.53 33.34 3.18
N LYS F 65 29.28 33.35 2.09
CA LYS F 65 30.14 34.49 1.77
C LYS F 65 29.31 35.71 1.38
N HIS F 66 29.86 36.88 1.67
CA HIS F 66 29.32 38.15 1.21
C HIS F 66 30.35 38.97 0.47
N SER F 67 31.62 38.93 0.88
CA SER F 67 32.70 39.60 0.18
C SER F 67 33.41 38.62 -0.74
N ARG F 68 33.56 38.99 -2.01
CA ARG F 68 34.21 38.12 -2.99
C ARG F 68 35.63 37.75 -2.54
N THR F 69 36.39 38.72 -2.06
CA THR F 69 37.80 38.48 -1.74
C THR F 69 37.98 38.00 -0.30
N ARG F 70 37.64 38.86 0.65
CA ARG F 70 37.83 38.62 2.08
C ARG F 70 37.32 37.26 2.53
N TYR F 71 37.97 36.70 3.55
CA TYR F 71 37.48 35.51 4.23
C TYR F 71 36.51 36.00 5.29
N GLU F 72 35.20 35.84 5.03
CA GLU F 72 34.19 36.29 5.98
C GLU F 72 34.37 35.56 7.29
N ARG F 73 34.91 36.26 8.29
CA ARG F 73 35.12 35.65 9.59
C ARG F 73 33.79 35.25 10.22
N ASN F 74 33.74 34.01 10.71
CA ASN F 74 32.66 33.47 11.52
C ASN F 74 31.43 33.13 10.67
N ILE F 75 31.36 33.70 9.46
CA ILE F 75 30.16 33.58 8.64
C ILE F 75 30.38 32.55 7.54
N GLU F 76 31.58 32.51 6.97
CA GLU F 76 31.90 31.63 5.85
C GLU F 76 31.93 30.16 6.31
N LYS F 77 32.01 29.26 5.32
CA LYS F 77 32.13 27.82 5.53
C LYS F 77 32.47 27.17 4.21
N ILE F 78 33.24 26.08 4.26
CA ILE F 78 33.85 25.46 3.09
C ILE F 78 33.58 23.96 3.11
N SER F 79 33.42 23.36 1.93
CA SER F 79 33.22 21.91 1.83
C SER F 79 33.89 21.35 0.58
N MET F 80 34.37 20.12 0.71
CA MET F 80 34.84 19.32 -0.41
C MET F 80 33.66 18.64 -1.11
N LEU F 81 33.94 18.01 -2.25
CA LEU F 81 32.90 17.44 -3.12
C LEU F 81 33.13 15.95 -3.26
N GLU F 82 32.08 15.16 -3.03
CA GLU F 82 32.20 13.71 -3.15
C GLU F 82 32.07 13.26 -4.60
N LYS F 83 30.95 13.59 -5.26
CA LYS F 83 30.70 13.09 -6.60
C LYS F 83 30.06 14.16 -7.46
N ILE F 84 30.43 14.17 -8.74
CA ILE F 84 29.83 15.05 -9.74
C ILE F 84 28.78 14.27 -10.50
N TYR F 85 27.61 14.87 -10.69
CA TYR F 85 26.53 14.26 -11.48
C TYR F 85 26.06 15.27 -12.53
N ILE F 86 26.48 15.07 -13.78
CA ILE F 86 26.12 15.95 -14.89
C ILE F 86 25.03 15.27 -15.70
N HIS F 87 24.06 16.06 -16.16
CA HIS F 87 22.92 15.50 -16.87
C HIS F 87 23.39 14.73 -18.11
N PRO F 88 22.85 13.54 -18.37
CA PRO F 88 23.34 12.75 -19.50
C PRO F 88 23.01 13.37 -20.85
N ARG F 89 21.96 14.18 -20.95
CA ARG F 89 21.52 14.75 -22.21
C ARG F 89 21.95 16.22 -22.37
N TYR F 90 22.83 16.70 -21.50
CA TYR F 90 23.43 18.02 -21.66
C TYR F 90 24.09 18.14 -23.02
N ASN F 91 23.66 19.12 -23.80
CA ASN F 91 24.06 19.25 -25.20
C ASN F 91 24.97 20.46 -25.34
N TRP F 92 26.21 20.33 -24.84
CA TRP F 92 27.18 21.40 -24.93
C TRP F 92 27.57 21.70 -26.37
N ARG F 93 27.34 20.77 -27.29
CA ARG F 93 27.81 20.95 -28.66
C ARG F 93 26.94 21.96 -29.40
N GLU F 94 25.62 21.82 -29.30
CA GLU F 94 24.71 22.68 -30.07
C GLU F 94 24.30 23.92 -29.28
N ASN F 95 23.57 23.75 -28.18
CA ASN F 95 22.90 24.89 -27.58
C ASN F 95 22.90 24.91 -26.05
N LEU F 96 23.77 24.15 -25.39
CA LEU F 96 23.80 24.07 -23.93
C LEU F 96 22.47 23.60 -23.34
N ASP F 97 21.68 22.85 -24.10
CA ASP F 97 20.43 22.31 -23.58
C ASP F 97 20.71 21.45 -22.36
N ARG F 98 19.84 21.57 -21.35
CA ARG F 98 19.95 20.78 -20.14
C ARG F 98 21.26 21.09 -19.41
N ASP F 99 21.59 22.38 -19.34
CA ASP F 99 22.74 22.87 -18.58
C ASP F 99 22.45 22.81 -17.10
N ILE F 100 22.43 21.59 -16.54
CA ILE F 100 22.16 21.38 -15.12
C ILE F 100 23.13 20.32 -14.62
N ALA F 101 23.54 20.45 -13.36
CA ALA F 101 24.50 19.52 -12.79
C ALA F 101 24.36 19.54 -11.28
N LEU F 102 24.44 18.35 -10.67
CA LEU F 102 24.34 18.20 -9.23
C LEU F 102 25.66 17.73 -8.66
N MET F 103 26.10 18.35 -7.57
CA MET F 103 27.34 17.99 -6.89
C MET F 103 27.00 17.55 -5.48
N LYS F 104 27.56 16.41 -5.07
CA LYS F 104 27.28 15.81 -3.78
C LYS F 104 28.41 16.15 -2.82
N LEU F 105 28.10 16.89 -1.77
CA LEU F 105 29.11 17.23 -0.76
C LEU F 105 29.60 15.98 -0.06
N LYS F 106 30.84 16.04 0.42
CA LYS F 106 31.41 14.93 1.17
C LYS F 106 30.95 14.97 2.63
N LYS F 107 30.92 16.15 3.23
CA LYS F 107 30.43 16.36 4.58
C LYS F 107 29.18 17.23 4.54
N PRO F 108 28.08 16.85 5.20
CA PRO F 108 26.88 17.69 5.18
C PRO F 108 27.10 18.99 5.94
N VAL F 109 26.61 20.08 5.36
CA VAL F 109 26.80 21.42 5.93
C VAL F 109 25.89 21.67 7.13
N ALA F 110 26.11 22.79 7.81
CA ALA F 110 25.29 23.22 8.94
C ALA F 110 24.79 24.63 8.66
N PHE F 111 23.48 24.84 8.87
CA PHE F 111 22.81 26.04 8.40
C PHE F 111 22.88 27.12 9.47
N SER F 112 23.86 28.01 9.34
CA SER F 112 23.84 29.25 10.10
C SER F 112 22.66 30.10 9.62
N ASP F 113 22.50 31.28 10.22
CA ASP F 113 21.65 32.29 9.60
C ASP F 113 22.07 32.49 8.15
N TYR F 114 23.38 32.67 7.95
CA TYR F 114 23.97 33.05 6.67
C TYR F 114 23.94 31.92 5.64
N ILE F 115 23.52 30.72 6.04
CA ILE F 115 23.48 29.56 5.15
C ILE F 115 22.10 28.90 5.28
N HIS F 116 21.40 28.80 4.15
CA HIS F 116 20.07 28.21 4.13
C HIS F 116 19.79 27.73 2.71
N PRO F 117 18.96 26.72 2.54
CA PRO F 117 18.61 26.25 1.19
C PRO F 117 17.43 27.00 0.58
N VAL F 118 17.39 26.97 -0.75
CA VAL F 118 16.29 27.52 -1.53
C VAL F 118 15.39 26.37 -1.95
N CYS F 119 14.14 26.70 -2.28
CA CYS F 119 13.17 25.70 -2.70
C CYS F 119 13.31 25.36 -4.16
N LEU F 120 13.02 24.12 -4.50
CA LEU F 120 12.81 23.83 -5.91
C LEU F 120 11.32 23.74 -6.21
N PRO F 121 10.84 24.28 -7.36
CA PRO F 121 9.41 24.38 -7.57
C PRO F 121 8.54 23.21 -7.95
N ASP F 122 7.27 23.31 -7.57
CA ASP F 122 6.28 22.28 -7.94
C ASP F 122 5.48 22.83 -9.10
N ARG F 123 4.71 22.01 -9.80
CA ARG F 123 4.00 22.52 -10.99
C ARG F 123 3.16 23.74 -10.59
N GLU F 124 2.64 23.76 -9.37
CA GLU F 124 1.73 24.88 -9.09
C GLU F 124 2.49 26.20 -9.02
N THR F 125 3.65 26.22 -8.36
CA THR F 125 4.41 27.46 -8.26
C THR F 125 5.12 27.79 -9.57
N ALA F 126 5.66 26.77 -10.24
CA ALA F 126 6.22 26.96 -11.58
C ALA F 126 5.20 27.57 -12.51
N ALA F 127 4.03 26.94 -12.63
CA ALA F 127 3.01 27.41 -13.56
C ALA F 127 2.59 28.84 -13.25
N SER F 128 2.44 29.17 -11.96
CA SER F 128 1.94 30.49 -11.59
C SER F 128 2.96 31.58 -11.88
N LEU F 129 4.26 31.28 -11.75
CA LEU F 129 5.28 32.31 -11.66
C LEU F 129 6.12 32.47 -12.93
N LEU F 130 6.23 31.44 -13.76
CA LEU F 130 7.00 31.57 -15.00
C LEU F 130 6.11 32.20 -16.06
N GLN F 131 6.08 33.54 -16.03
CA GLN F 131 5.21 34.31 -16.90
C GLN F 131 5.95 35.56 -17.35
N ALA F 132 5.63 36.02 -18.56
CA ALA F 132 6.26 37.21 -19.11
C ALA F 132 5.96 38.44 -18.26
N GLY F 133 6.99 39.24 -18.02
CA GLY F 133 6.88 40.41 -17.18
C GLY F 133 7.16 40.17 -15.72
N TYR F 134 6.90 38.96 -15.23
CA TYR F 134 7.22 38.61 -13.85
C TYR F 134 8.73 38.68 -13.67
N LYS F 135 9.17 39.24 -12.55
CA LYS F 135 10.59 39.50 -12.31
C LYS F 135 11.16 38.47 -11.36
N GLY F 136 12.35 37.95 -11.71
CA GLY F 136 13.14 37.11 -10.84
C GLY F 136 14.43 37.80 -10.45
N ARG F 137 15.14 37.17 -9.52
CA ARG F 137 16.35 37.75 -8.94
C ARG F 137 17.57 36.93 -9.31
N VAL F 138 18.66 37.63 -9.63
CA VAL F 138 19.92 36.99 -10.01
C VAL F 138 21.03 37.61 -9.18
N THR F 139 21.86 36.76 -8.57
CA THR F 139 22.91 37.16 -7.66
C THR F 139 24.21 36.46 -8.03
N GLY F 140 25.32 37.18 -7.96
CA GLY F 140 26.59 36.59 -8.31
C GLY F 140 27.75 37.54 -8.06
N TRP F 141 28.96 36.98 -8.21
CA TRP F 141 30.21 37.71 -8.04
C TRP F 141 30.91 37.95 -9.36
N GLY F 142 30.18 37.88 -10.48
CA GLY F 142 30.77 37.99 -11.79
C GLY F 142 31.06 39.44 -12.17
N ASN F 143 31.65 39.59 -13.35
CA ASN F 143 32.04 40.90 -13.86
C ASN F 143 30.86 41.86 -13.85
N LEU F 144 31.16 43.14 -13.69
CA LEU F 144 30.16 44.19 -13.69
C LEU F 144 29.92 44.77 -15.08
N LYS F 145 30.65 44.31 -16.08
CA LYS F 145 30.54 44.82 -17.44
C LYS F 145 31.26 43.86 -18.38
N GLU F 146 30.78 43.79 -19.62
CA GLU F 146 31.35 42.85 -20.59
C GLU F 146 32.51 43.55 -21.29
N THR F 147 33.72 43.32 -20.78
CA THR F 147 34.94 43.71 -21.45
C THR F 147 35.71 42.46 -21.88
N TRP F 148 36.73 42.66 -22.70
CA TRP F 148 37.64 41.57 -23.00
C TRP F 148 38.91 41.61 -22.16
N THR F 149 39.28 42.78 -21.65
CA THR F 149 40.46 42.92 -20.82
C THR F 149 40.13 42.61 -19.36
N ALA F 150 41.19 42.47 -18.56
CA ALA F 150 41.03 42.28 -17.11
C ALA F 150 40.83 43.63 -16.42
N ASN F 151 41.83 44.51 -16.53
CA ASN F 151 41.71 45.88 -16.07
C ASN F 151 42.71 46.79 -16.78
N LYS F 154 39.42 44.92 -13.00
CA LYS F 154 38.91 45.97 -12.11
C LYS F 154 37.41 46.17 -12.29
N GLY F 155 36.82 45.32 -13.12
CA GLY F 155 35.38 45.26 -13.22
C GLY F 155 34.86 44.11 -12.37
N GLN F 156 35.28 44.07 -11.10
CA GLN F 156 34.91 42.98 -10.23
C GLN F 156 34.38 43.51 -8.90
N PRO F 157 33.32 42.91 -8.38
CA PRO F 157 32.68 43.44 -7.19
C PRO F 157 33.37 43.03 -5.91
N SER F 158 33.30 43.93 -4.92
CA SER F 158 33.75 43.57 -3.58
C SER F 158 32.77 42.62 -2.91
N VAL F 159 31.48 42.89 -3.04
CA VAL F 159 30.45 42.12 -2.35
C VAL F 159 29.47 41.55 -3.38
N LEU F 160 28.63 40.64 -2.89
CA LEU F 160 27.63 39.97 -3.72
C LEU F 160 26.72 40.98 -4.41
N GLN F 161 26.55 40.81 -5.71
CA GLN F 161 25.69 41.69 -6.52
C GLN F 161 24.33 41.03 -6.70
N VAL F 162 23.30 41.86 -6.87
CA VAL F 162 21.94 41.37 -7.06
C VAL F 162 21.21 42.32 -8.00
N VAL F 163 20.52 41.75 -8.99
CA VAL F 163 19.68 42.51 -9.91
C VAL F 163 18.36 41.76 -10.07
N ASN F 164 17.28 42.50 -10.28
CA ASN F 164 15.97 41.91 -10.53
C ASN F 164 15.61 42.14 -12.00
N LEU F 165 15.18 41.06 -12.67
CA LEU F 165 15.14 40.98 -14.12
C LEU F 165 13.84 40.30 -14.57
N PRO F 166 13.17 40.84 -15.58
CA PRO F 166 11.87 40.29 -16.01
C PRO F 166 11.98 39.14 -17.01
N ILE F 167 11.03 38.21 -16.88
CA ILE F 167 10.92 37.10 -17.83
C ILE F 167 10.44 37.61 -19.18
N VAL F 168 10.92 37.00 -20.25
CA VAL F 168 10.67 37.47 -21.62
C VAL F 168 9.90 36.42 -22.39
N GLU F 169 8.95 36.89 -23.22
CA GLU F 169 8.13 36.01 -24.04
C GLU F 169 9.00 35.14 -24.95
N ARG F 170 8.59 33.87 -25.07
CA ARG F 170 9.31 32.89 -25.89
C ARG F 170 9.59 33.37 -27.31
N PRO F 171 8.63 33.94 -28.06
CA PRO F 171 8.97 34.44 -29.40
C PRO F 171 10.08 35.47 -29.40
N VAL F 172 10.13 36.34 -28.40
CA VAL F 172 11.16 37.37 -28.34
C VAL F 172 12.52 36.76 -27.97
N CYS F 173 12.52 35.72 -27.14
CA CYS F 173 13.76 35.00 -26.90
C CYS F 173 14.28 34.36 -28.19
N LYS F 174 13.39 33.78 -29.00
CA LYS F 174 13.85 32.99 -30.14
C LYS F 174 14.42 33.86 -31.26
N ASP F 175 13.78 34.99 -31.57
CA ASP F 175 14.29 35.86 -32.63
C ASP F 175 15.44 36.75 -32.16
N SER F 176 16.02 36.47 -31.00
CA SER F 176 17.15 37.23 -30.47
C SER F 176 18.47 36.51 -30.65
N THR F 177 18.47 35.30 -31.21
CA THR F 177 19.66 34.48 -31.26
C THR F 177 19.55 33.49 -32.41
N ARG F 178 20.68 33.20 -33.06
CA ARG F 178 20.74 32.11 -34.01
C ARG F 178 20.68 30.75 -33.32
N ILE F 179 20.92 30.71 -32.01
CA ILE F 179 20.93 29.46 -31.26
C ILE F 179 19.51 28.90 -31.22
N ARG F 180 19.40 27.57 -31.22
CA ARG F 180 18.11 26.91 -31.18
C ARG F 180 17.70 26.71 -29.72
N ILE F 181 16.90 27.65 -29.20
CA ILE F 181 16.47 27.56 -27.81
C ILE F 181 15.38 26.50 -27.66
N THR F 182 15.28 25.95 -26.45
CA THR F 182 14.43 24.80 -26.18
C THR F 182 13.53 25.07 -24.98
N ASP F 183 12.49 24.22 -24.85
CA ASP F 183 11.58 24.29 -23.70
C ASP F 183 12.31 24.05 -22.38
N ASN F 184 13.58 23.68 -22.41
CA ASN F 184 14.37 23.47 -21.20
C ASN F 184 15.08 24.74 -20.75
N MET F 185 15.04 25.80 -21.56
CA MET F 185 15.60 27.09 -21.22
C MET F 185 14.50 28.14 -21.20
N PHE F 186 14.79 29.26 -20.56
CA PHE F 186 13.96 30.46 -20.65
C PHE F 186 14.85 31.66 -20.48
N CYS F 187 14.43 32.79 -21.07
CA CYS F 187 15.26 33.98 -21.12
C CYS F 187 14.61 35.11 -20.34
N ALA F 188 15.45 35.98 -19.77
CA ALA F 188 14.99 37.09 -18.95
C ALA F 188 15.87 38.30 -19.23
N GLY F 189 15.32 39.48 -18.96
CA GLY F 189 16.00 40.73 -19.23
C GLY F 189 15.08 41.75 -19.86
N TYR F 190 15.60 42.96 -19.99
CA TYR F 190 14.82 44.07 -20.50
C TYR F 190 14.93 44.19 -22.01
N LYS F 191 13.81 44.51 -22.65
CA LYS F 191 13.78 44.85 -24.06
C LYS F 191 14.45 46.20 -24.28
N PRO F 192 14.88 46.49 -25.52
CA PRO F 192 15.62 47.74 -25.76
C PRO F 192 14.85 49.02 -25.43
N ASP F 193 13.53 48.99 -25.42
CA ASP F 193 12.72 50.18 -25.20
C ASP F 193 12.10 50.24 -23.81
N GLU F 194 12.52 49.39 -22.89
CA GLU F 194 11.97 49.41 -21.55
C GLU F 194 12.64 50.41 -20.62
N GLY F 195 13.80 50.95 -21.01
CA GLY F 195 14.41 52.03 -20.25
C GLY F 195 15.14 51.60 -19.01
N LYS F 196 15.43 50.31 -18.87
CA LYS F 196 16.22 49.78 -17.76
C LYS F 196 17.13 48.70 -18.31
N ARG F 197 18.20 48.40 -17.59
CA ARG F 197 19.16 47.41 -18.05
C ARG F 197 19.56 46.49 -16.90
N GLY F 198 20.37 45.49 -17.24
CA GLY F 198 20.83 44.50 -16.30
C GLY F 198 20.96 43.13 -16.93
N ASP F 199 21.92 42.34 -16.48
CA ASP F 199 22.14 40.99 -16.98
C ASP F 199 23.20 40.34 -16.07
N ALA F 200 23.35 39.02 -16.20
CA ALA F 200 24.50 38.36 -15.61
C ALA F 200 25.72 38.53 -16.51
N CYS F 201 26.88 38.12 -16.02
CA CYS F 201 28.10 38.25 -16.79
C CYS F 201 28.98 37.03 -16.51
N GLU F 202 30.23 37.09 -16.98
CA GLU F 202 31.20 36.01 -16.78
C GLU F 202 31.50 35.84 -15.30
N GLY F 203 31.38 34.62 -14.80
CA GLY F 203 31.51 34.33 -13.39
C GLY F 203 30.18 34.17 -12.66
N ASP F 204 29.09 34.65 -13.25
CA ASP F 204 27.77 34.56 -12.63
C ASP F 204 27.04 33.26 -12.94
N SER F 205 27.44 32.56 -14.02
CA SER F 205 26.77 31.34 -14.43
C SER F 205 26.74 30.32 -13.29
N GLY F 206 25.73 29.45 -13.33
CA GLY F 206 25.52 28.45 -12.30
C GLY F 206 24.70 28.93 -11.13
N GLY F 207 24.67 30.24 -10.88
CA GLY F 207 23.98 30.80 -9.75
C GLY F 207 22.47 30.70 -9.85
N PRO F 208 21.76 31.38 -8.93
CA PRO F 208 20.31 31.20 -8.85
C PRO F 208 19.50 32.27 -9.57
N PHE F 209 18.46 31.81 -10.28
CA PHE F 209 17.36 32.67 -10.71
C PHE F 209 16.20 32.37 -9.77
N VAL F 210 15.96 33.26 -8.81
CA VAL F 210 15.00 33.00 -7.76
C VAL F 210 13.82 33.95 -7.88
N MET F 211 12.70 33.53 -7.30
CA MET F 211 11.47 34.30 -7.23
C MET F 211 10.84 34.04 -5.88
N LYS F 212 10.24 35.07 -5.29
CA LYS F 212 9.47 34.90 -4.06
C LYS F 212 8.01 34.67 -4.41
N SER F 213 7.47 33.55 -3.97
CA SER F 213 6.13 33.15 -4.31
C SER F 213 5.10 33.86 -3.43
N PRO F 214 4.03 34.39 -4.02
CA PRO F 214 2.91 34.87 -3.21
C PRO F 214 2.14 33.76 -2.53
N PHE F 215 2.41 32.50 -2.89
CA PHE F 215 1.57 31.39 -2.47
C PHE F 215 1.97 30.89 -1.09
N ASN F 216 3.25 30.56 -0.90
CA ASN F 216 3.77 30.18 0.40
C ASN F 216 4.74 31.20 0.98
N ASN F 217 5.00 32.30 0.28
CA ASN F 217 5.88 33.36 0.73
C ASN F 217 7.30 32.85 1.00
N ARG F 218 7.71 31.84 0.24
CA ARG F 218 9.08 31.36 0.24
C ARG F 218 9.73 31.64 -1.11
N TRP F 219 11.05 31.80 -1.10
CA TRP F 219 11.80 31.96 -2.34
C TRP F 219 12.03 30.60 -3.00
N TYR F 220 11.85 30.56 -4.32
CA TYR F 220 12.08 29.38 -5.14
C TYR F 220 13.14 29.68 -6.18
N GLN F 221 13.90 28.66 -6.57
CA GLN F 221 14.91 28.80 -7.62
C GLN F 221 14.30 28.28 -8.92
N MET F 222 13.82 29.20 -9.75
CA MET F 222 13.11 28.86 -10.98
C MET F 222 14.05 28.59 -12.15
N GLY F 223 15.29 29.08 -12.10
CA GLY F 223 16.21 28.90 -13.21
C GLY F 223 17.64 28.94 -12.73
N ILE F 224 18.53 28.46 -13.60
CA ILE F 224 19.96 28.50 -13.37
C ILE F 224 20.59 29.40 -14.43
N VAL F 225 21.48 30.29 -14.02
CA VAL F 225 22.18 31.14 -14.97
C VAL F 225 23.00 30.27 -15.91
N SER F 226 22.56 30.15 -17.16
CA SER F 226 23.24 29.27 -18.10
C SER F 226 24.15 30.04 -19.05
N TRP F 227 23.59 30.66 -20.09
CA TRP F 227 24.43 31.28 -21.11
C TRP F 227 23.86 32.62 -21.53
N GLY F 228 24.73 33.40 -22.18
CA GLY F 228 24.34 34.67 -22.77
C GLY F 228 25.33 35.02 -23.87
N GLU F 229 24.91 35.93 -24.74
CA GLU F 229 25.75 36.38 -25.85
C GLU F 229 26.34 37.73 -25.45
N GLY F 230 27.37 37.66 -24.60
CA GLY F 230 27.87 38.83 -23.92
C GLY F 230 27.06 39.14 -22.68
N CYS F 231 27.23 40.36 -22.17
CA CYS F 231 26.51 40.84 -21.00
C CYS F 231 25.82 42.15 -21.33
N ASP F 232 24.55 42.24 -20.97
CA ASP F 232 23.74 43.46 -21.09
C ASP F 232 23.65 43.96 -22.52
N ARG F 233 23.85 43.10 -23.51
CA ARG F 233 23.80 43.52 -24.90
C ARG F 233 22.36 43.85 -25.29
N ASP F 234 22.21 44.89 -26.12
CA ASP F 234 20.88 45.33 -26.53
C ASP F 234 20.27 44.33 -27.49
N GLY F 235 18.98 44.04 -27.30
CA GLY F 235 18.31 43.02 -28.08
C GLY F 235 18.74 41.61 -27.77
N LYS F 236 19.64 41.42 -26.81
CA LYS F 236 20.02 40.11 -26.31
C LYS F 236 19.51 39.93 -24.89
N TYR F 237 19.28 38.67 -24.54
CA TYR F 237 18.73 38.33 -23.24
C TYR F 237 19.56 37.19 -22.66
N GLY F 238 19.50 37.05 -21.34
CA GLY F 238 20.20 35.99 -20.65
C GLY F 238 19.34 34.75 -20.56
N PHE F 239 19.96 33.60 -20.75
CA PHE F 239 19.23 32.34 -20.79
C PHE F 239 19.42 31.56 -19.51
N TYR F 240 18.36 30.86 -19.10
CA TYR F 240 18.30 30.21 -17.80
C TYR F 240 17.74 28.81 -17.97
N THR F 241 18.37 27.85 -17.28
CA THR F 241 17.89 26.48 -17.33
C THR F 241 16.59 26.36 -16.55
N HIS F 242 15.51 26.01 -17.26
CA HIS F 242 14.21 25.75 -16.65
C HIS F 242 14.34 24.66 -15.58
N VAL F 243 14.36 25.07 -14.32
CA VAL F 243 14.58 24.13 -13.22
C VAL F 243 13.47 23.08 -13.18
N PHE F 244 12.21 23.52 -13.12
CA PHE F 244 11.12 22.56 -12.92
C PHE F 244 11.05 21.53 -14.03
N ARG F 245 11.41 21.90 -15.26
CA ARG F 245 11.37 20.92 -16.35
C ARG F 245 12.33 19.76 -16.10
N LEU F 246 13.45 20.03 -15.43
CA LEU F 246 14.47 19.02 -15.19
C LEU F 246 14.42 18.47 -13.77
N LYS F 247 13.31 18.70 -13.05
CA LYS F 247 13.21 18.21 -11.68
C LYS F 247 13.20 16.69 -11.58
N LYS F 248 12.77 16.00 -12.63
CA LYS F 248 12.80 14.54 -12.61
C LYS F 248 14.24 14.03 -12.50
N TRP F 249 15.12 14.48 -13.41
CA TRP F 249 16.53 14.09 -13.31
C TRP F 249 17.15 14.50 -11.99
N ILE F 250 16.59 15.50 -11.32
CA ILE F 250 17.09 15.87 -9.99
C ILE F 250 16.74 14.80 -8.97
N GLN F 251 15.46 14.45 -8.87
CA GLN F 251 15.02 13.49 -7.86
C GLN F 251 15.69 12.14 -8.06
N LYS F 252 15.77 11.67 -9.29
CA LYS F 252 16.40 10.38 -9.60
C LYS F 252 17.85 10.34 -9.08
N VAL F 253 18.59 11.43 -9.26
CA VAL F 253 19.98 11.45 -8.80
C VAL F 253 20.03 11.60 -7.29
N ILE F 254 19.19 12.48 -6.73
CA ILE F 254 19.24 12.75 -5.29
C ILE F 254 18.92 11.50 -4.50
N ASP F 255 17.78 10.88 -4.80
CA ASP F 255 17.25 9.81 -3.96
C ASP F 255 18.17 8.59 -3.96
N GLN F 256 18.58 8.13 -5.15
CA GLN F 256 19.36 6.90 -5.18
C GLN F 256 20.81 7.12 -4.76
N PHE F 257 21.39 8.27 -5.06
CA PHE F 257 22.78 8.55 -4.75
C PHE F 257 22.95 9.50 -3.57
N GLY F 258 22.16 9.32 -2.52
CA GLY F 258 22.38 10.05 -1.29
C GLY F 258 21.21 10.87 -0.78
N GLU G 19 9.65 0.09 9.19
CA GLU G 19 10.39 0.73 10.27
C GLU G 19 10.83 2.13 9.88
N ALA G 20 11.66 2.22 8.84
CA ALA G 20 12.26 3.47 8.40
C ALA G 20 11.46 4.15 7.30
N ASP G 21 10.29 3.63 6.96
CA ASP G 21 9.36 4.29 6.05
C ASP G 21 8.28 5.06 6.80
N CYS G 22 8.45 5.23 8.12
CA CYS G 22 7.36 5.69 8.98
C CYS G 22 7.10 7.19 8.79
N GLY G 23 5.91 7.61 9.25
CA GLY G 23 5.52 9.00 9.15
C GLY G 23 5.36 9.52 7.75
N LEU G 24 5.49 8.67 6.74
CA LEU G 24 5.39 9.06 5.34
C LEU G 24 4.14 8.42 4.77
N ARG G 25 3.12 9.22 4.49
CA ARG G 25 1.82 8.65 4.18
C ARG G 25 1.77 8.26 2.71
N PRO G 26 1.36 7.03 2.40
CA PRO G 26 1.30 6.60 0.99
C PRO G 26 0.45 7.52 0.12
N LEU G 27 -0.65 8.04 0.65
CA LEU G 27 -1.55 8.88 -0.12
C LEU G 27 -1.18 10.34 -0.09
N PHE G 28 -0.11 10.72 0.61
CA PHE G 28 0.21 12.14 0.71
C PHE G 28 1.69 12.41 0.45
N GLU G 29 2.55 12.11 1.43
CA GLU G 29 3.98 12.37 1.26
C GLU G 29 4.54 11.62 0.06
N LYS G 30 4.16 10.35 -0.10
CA LYS G 30 4.77 9.54 -1.16
C LYS G 30 4.22 9.90 -2.53
N LYS G 31 2.94 10.26 -2.62
CA LYS G 31 2.40 10.83 -3.84
C LYS G 31 2.63 12.34 -3.95
N SER G 32 3.23 12.94 -2.92
CA SER G 32 3.54 14.37 -2.89
C SER G 32 2.28 15.21 -3.12
N LEU G 33 1.41 15.20 -2.10
CA LEU G 33 0.20 16.00 -2.12
C LEU G 33 -0.09 16.45 -0.69
N GLU G 34 -0.36 17.74 -0.54
CA GLU G 34 -0.53 18.35 0.78
C GLU G 34 -1.97 18.19 1.27
N ASP G 35 -2.13 17.95 2.56
CA ASP G 35 -3.46 17.87 3.13
C ASP G 35 -3.93 19.27 3.54
N LYS G 36 -5.25 19.41 3.72
CA LYS G 36 -5.88 20.73 3.76
C LYS G 36 -5.47 21.54 4.98
N THR G 37 -5.01 20.90 6.06
CA THR G 37 -4.57 21.62 7.26
C THR G 37 -3.08 21.44 7.53
N GLU G 38 -2.36 20.75 6.65
CA GLU G 38 -0.94 20.47 6.86
C GLU G 38 -0.14 21.76 7.05
N ARG G 39 -0.31 22.71 6.12
CA ARG G 39 0.46 23.95 6.15
C ARG G 39 0.26 24.71 7.46
N GLU G 40 -0.91 24.58 8.08
CA GLU G 40 -1.20 25.30 9.31
C GLU G 40 -0.20 24.96 10.42
N LEU G 41 0.31 23.73 10.42
CA LEU G 41 1.31 23.34 11.41
C LEU G 41 2.66 23.97 11.10
N LEU G 42 3.01 24.04 9.81
CA LEU G 42 4.35 24.49 9.43
C LEU G 42 4.57 25.96 9.77
N GLU G 43 3.55 26.79 9.59
CA GLU G 43 3.69 28.21 9.89
C GLU G 43 3.66 28.51 11.38
N SER G 44 3.16 27.58 12.20
CA SER G 44 3.31 27.73 13.65
C SER G 44 4.77 27.74 14.06
N TYR G 45 5.67 27.29 13.19
CA TYR G 45 7.10 27.32 13.47
C TYR G 45 7.69 28.70 13.19
N ILE G 46 7.25 29.34 12.12
CA ILE G 46 7.67 30.72 11.83
C ILE G 46 7.14 31.70 12.87
N ASP G 47 6.17 31.29 13.68
CA ASP G 47 5.63 32.12 14.75
C ASP G 47 6.38 31.81 16.04
N GLY G 48 7.56 32.42 16.18
CA GLY G 48 8.36 32.27 17.38
C GLY G 48 8.90 30.88 17.62
N ILE H 1 -13.86 14.69 17.86
CA ILE H 1 -13.13 15.91 18.16
C ILE H 1 -14.14 17.05 18.28
N VAL H 2 -13.82 18.08 19.05
CA VAL H 2 -14.64 19.29 19.13
C VAL H 2 -14.02 20.35 18.23
N GLU H 3 -14.84 20.91 17.33
CA GLU H 3 -14.45 22.03 16.47
C GLU H 3 -13.34 21.63 15.49
N GLY H 4 -13.53 20.50 14.83
CA GLY H 4 -12.56 20.05 13.84
C GLY H 4 -13.14 19.97 12.44
N SER H 5 -12.47 19.23 11.57
CA SER H 5 -12.97 18.92 10.24
C SER H 5 -12.92 17.42 10.04
N ASP H 6 -13.52 16.97 8.94
CA ASP H 6 -13.38 15.57 8.55
C ASP H 6 -12.00 15.34 7.94
N ALA H 7 -11.40 14.21 8.27
CA ALA H 7 -10.07 13.90 7.79
C ALA H 7 -10.11 13.45 6.34
N GLU H 8 -9.03 13.72 5.61
CA GLU H 8 -8.96 13.25 4.24
C GLU H 8 -8.69 11.76 4.21
N ILE H 9 -8.96 11.13 3.06
CA ILE H 9 -8.79 9.69 2.94
C ILE H 9 -7.32 9.35 3.06
N GLY H 10 -7.01 8.40 3.94
CA GLY H 10 -5.62 8.08 4.22
C GLY H 10 -4.81 9.24 4.75
N MET H 11 -5.46 10.16 5.48
CA MET H 11 -4.76 11.31 6.06
C MET H 11 -4.02 10.94 7.34
N SER H 12 -4.56 10.02 8.13
CA SER H 12 -3.96 9.62 9.40
C SER H 12 -3.87 8.09 9.43
N PRO H 13 -2.97 7.51 8.64
CA PRO H 13 -2.96 6.05 8.50
C PRO H 13 -2.60 5.32 9.78
N TRP H 14 -1.79 5.93 10.65
CA TRP H 14 -1.46 5.32 11.93
C TRP H 14 -2.65 5.26 12.87
N GLN H 15 -3.77 5.90 12.53
CA GLN H 15 -4.92 5.91 13.42
C GLN H 15 -5.47 4.51 13.63
N VAL H 16 -5.56 4.10 14.89
CA VAL H 16 -6.15 2.82 15.25
C VAL H 16 -7.41 3.10 16.05
N MET H 17 -8.36 2.18 15.98
CA MET H 17 -9.62 2.26 16.71
C MET H 17 -9.68 1.08 17.68
N LEU H 18 -9.80 1.38 18.97
CA LEU H 18 -9.90 0.34 19.99
C LEU H 18 -11.37 -0.01 20.19
N PHE H 19 -11.73 -1.25 19.85
CA PHE H 19 -13.11 -1.68 19.82
C PHE H 19 -13.37 -2.73 20.90
N ARG H 20 -14.54 -2.62 21.54
CA ARG H 20 -15.04 -3.66 22.43
C ARG H 20 -15.64 -4.79 21.60
N LYS H 21 -15.51 -6.02 22.10
CA LYS H 21 -16.07 -7.17 21.38
C LYS H 21 -17.57 -7.30 21.62
N SER H 22 -17.97 -7.41 22.87
CA SER H 22 -19.40 -7.52 23.22
C SER H 22 -19.72 -6.58 24.37
N PRO H 23 -20.51 -5.53 24.14
CA PRO H 23 -21.12 -5.17 22.85
C PRO H 23 -20.17 -4.52 21.85
N GLN H 24 -20.47 -4.72 20.57
CA GLN H 24 -19.76 -4.10 19.45
C GLN H 24 -19.72 -2.58 19.64
N GLU H 25 -18.76 -2.08 20.39
CA GLU H 25 -18.76 -0.69 20.82
C GLU H 25 -17.35 -0.12 20.81
N LEU H 26 -17.22 1.13 20.34
CA LEU H 26 -15.93 1.79 20.28
C LEU H 26 -15.49 2.23 21.67
N LEU H 27 -14.24 1.94 22.02
CA LEU H 27 -13.70 2.28 23.33
C LEU H 27 -12.81 3.52 23.31
N CYS H 28 -11.81 3.54 22.44
CA CYS H 28 -10.77 4.56 22.56
C CYS H 28 -9.99 4.65 21.25
N GLY H 29 -9.12 5.65 21.18
CA GLY H 29 -8.19 5.76 20.08
C GLY H 29 -6.86 5.09 20.41
N ALA H 30 -6.03 4.96 19.38
CA ALA H 30 -4.70 4.38 19.51
C ALA H 30 -3.93 4.73 18.25
N SER H 31 -2.72 4.19 18.13
CA SER H 31 -1.85 4.57 17.02
C SER H 31 -0.95 3.41 16.65
N LEU H 32 -0.71 3.23 15.35
CA LEU H 32 0.13 2.16 14.85
C LEU H 32 1.57 2.65 14.78
N ILE H 33 2.46 1.99 15.51
CA ILE H 33 3.86 2.43 15.58
C ILE H 33 4.82 1.45 14.91
N SER H 34 4.45 0.18 14.78
CA SER H 34 5.19 -0.79 13.97
C SER H 34 4.16 -1.71 13.34
N ASP H 35 4.61 -2.86 12.83
CA ASP H 35 3.63 -3.77 12.24
C ASP H 35 2.96 -4.67 13.27
N ARG H 36 3.45 -4.69 14.52
CA ARG H 36 2.85 -5.48 15.58
C ARG H 36 2.47 -4.68 16.82
N TRP H 37 2.96 -3.45 16.96
CA TRP H 37 2.78 -2.69 18.20
C TRP H 37 1.87 -1.49 17.98
N VAL H 38 0.93 -1.31 18.91
CA VAL H 38 -0.03 -0.22 18.88
C VAL H 38 0.09 0.52 20.20
N LEU H 39 -0.03 1.85 20.16
CA LEU H 39 0.19 2.68 21.35
C LEU H 39 -1.09 3.44 21.70
N THR H 40 -1.58 3.20 22.91
CA THR H 40 -2.82 3.79 23.41
C THR H 40 -2.59 4.31 24.82
N ALA H 41 -3.58 5.03 25.34
CA ALA H 41 -3.52 5.45 26.73
C ALA H 41 -4.00 4.34 27.65
N ALA H 42 -3.39 4.29 28.85
CA ALA H 42 -3.61 3.16 29.75
C ALA H 42 -4.99 3.18 30.41
N HIS H 43 -5.59 4.36 30.57
CA HIS H 43 -6.91 4.44 31.22
C HIS H 43 -8.01 3.86 30.36
N CYS H 44 -7.79 3.76 29.04
CA CYS H 44 -8.76 3.10 28.18
C CYS H 44 -8.89 1.63 28.54
N LEU H 45 -7.82 1.03 29.03
CA LEU H 45 -7.80 -0.38 29.43
C LEU H 45 -8.17 -0.54 30.91
N LEU H 46 -7.59 0.29 31.77
CA LEU H 46 -7.67 0.11 33.22
C LEU H 46 -7.97 1.44 33.90
N TYR H 47 -9.22 1.60 34.35
CA TYR H 47 -9.58 2.64 35.31
C TYR H 47 -10.46 2.01 36.36
N PRO H 48 -9.91 1.61 37.51
CA PRO H 48 -10.68 0.92 38.54
C PRO H 48 -11.88 1.72 39.02
N PRO H 49 -11.77 3.06 39.20
CA PRO H 49 -12.97 3.81 39.61
C PRO H 49 -14.10 3.71 38.61
N TRP H 50 -13.79 3.47 37.34
CA TRP H 50 -14.80 3.36 36.30
C TRP H 50 -15.07 1.90 35.94
N ASP H 51 -14.52 0.96 36.70
CA ASP H 51 -14.63 -0.48 36.51
C ASP H 51 -13.99 -0.98 35.22
N LYS H 52 -13.20 -0.14 34.54
CA LYS H 52 -12.47 -0.59 33.36
C LYS H 52 -11.36 -1.55 33.78
N ASN H 53 -11.29 -2.70 33.12
CA ASN H 53 -10.30 -3.71 33.43
C ASN H 53 -10.13 -4.65 32.22
N PHE H 54 -10.06 -4.08 31.03
CA PHE H 54 -10.08 -4.88 29.81
C PHE H 54 -8.81 -5.73 29.69
N THR H 55 -8.97 -6.88 29.03
CA THR H 55 -7.91 -7.82 28.76
C THR H 55 -7.77 -8.00 27.25
N GLU H 56 -6.79 -8.82 26.85
CA GLU H 56 -6.49 -8.99 25.43
C GLU H 56 -7.71 -9.50 24.66
N ASN H 57 -8.39 -10.50 25.20
CA ASN H 57 -9.50 -11.15 24.53
C ASN H 57 -10.82 -10.42 24.73
N ASP H 58 -10.81 -9.29 25.44
CA ASP H 58 -11.96 -8.42 25.55
C ASP H 58 -11.96 -7.32 24.50
N LEU H 59 -10.92 -7.25 23.69
CA LEU H 59 -10.67 -6.14 22.78
C LEU H 59 -10.27 -6.64 21.40
N LEU H 60 -10.58 -5.82 20.40
CA LEU H 60 -10.05 -5.94 19.05
C LEU H 60 -9.65 -4.54 18.58
N VAL H 61 -8.79 -4.50 17.57
CA VAL H 61 -8.30 -3.23 17.03
C VAL H 61 -8.62 -3.16 15.54
N ARG H 62 -8.93 -1.96 15.07
CA ARG H 62 -9.31 -1.71 13.69
C ARG H 62 -8.42 -0.62 13.14
N ILE H 63 -7.63 -0.95 12.13
CA ILE H 63 -6.60 -0.08 11.60
C ILE H 63 -7.01 0.38 10.21
N GLY H 64 -6.66 1.62 9.88
CA GLY H 64 -6.97 2.16 8.57
C GLY H 64 -8.45 2.26 8.29
N LYS H 65 -9.20 2.80 9.24
CA LYS H 65 -10.60 3.12 9.03
C LYS H 65 -10.77 4.60 8.72
N HIS H 66 -11.85 4.93 8.03
CA HIS H 66 -12.22 6.32 7.83
C HIS H 66 -13.57 6.65 8.43
N SER H 67 -14.58 5.83 8.18
CA SER H 67 -15.88 6.01 8.81
C SER H 67 -15.89 5.30 10.15
N ARG H 68 -16.48 5.96 11.15
CA ARG H 68 -16.74 5.30 12.42
C ARG H 68 -17.65 4.08 12.22
N THR H 69 -18.70 4.26 11.43
CA THR H 69 -19.83 3.32 11.39
C THR H 69 -19.62 2.16 10.42
N ARG H 70 -19.16 2.44 9.20
CA ARG H 70 -19.09 1.41 8.17
C ARG H 70 -18.07 0.34 8.56
N TYR H 71 -18.10 -0.76 7.83
CA TYR H 71 -17.05 -1.78 7.84
C TYR H 71 -16.29 -1.62 6.53
N GLU H 72 -15.21 -0.84 6.55
CA GLU H 72 -14.40 -0.61 5.35
C GLU H 72 -13.80 -1.92 4.85
N ARG H 73 -14.64 -2.76 4.26
CA ARG H 73 -14.20 -4.06 3.75
C ARG H 73 -13.04 -3.92 2.79
N ASN H 74 -11.97 -4.67 3.06
CA ASN H 74 -10.76 -4.74 2.24
C ASN H 74 -9.91 -3.47 2.36
N ILE H 75 -10.46 -2.42 2.97
CA ILE H 75 -9.69 -1.22 3.28
C ILE H 75 -9.11 -1.37 4.69
N GLU H 76 -10.00 -1.48 5.68
CA GLU H 76 -9.60 -1.56 7.08
C GLU H 76 -9.07 -2.95 7.42
N LYS H 77 -8.43 -3.05 8.58
CA LYS H 77 -7.91 -4.31 9.09
C LYS H 77 -8.34 -4.46 10.54
N ILE H 78 -8.86 -5.63 10.88
CA ILE H 78 -9.22 -5.99 12.25
C ILE H 78 -8.20 -6.99 12.76
N SER H 79 -7.71 -6.77 13.97
CA SER H 79 -6.64 -7.60 14.52
C SER H 79 -6.92 -7.97 15.97
N MET H 80 -6.66 -9.23 16.30
CA MET H 80 -6.71 -9.69 17.67
C MET H 80 -5.42 -9.35 18.39
N LEU H 81 -5.51 -9.22 19.72
CA LEU H 81 -4.38 -8.81 20.54
C LEU H 81 -3.72 -10.00 21.20
N GLU H 82 -2.39 -10.10 21.06
CA GLU H 82 -1.63 -11.10 21.77
C GLU H 82 -1.59 -10.81 23.25
N LYS H 83 -0.79 -9.81 23.64
CA LYS H 83 -0.63 -9.42 25.03
C LYS H 83 -0.78 -7.90 25.12
N ILE H 84 -1.16 -7.44 26.32
CA ILE H 84 -1.29 -6.02 26.61
C ILE H 84 -0.29 -5.65 27.71
N TYR H 85 0.30 -4.48 27.59
CA TYR H 85 1.35 -4.02 28.51
C TYR H 85 1.04 -2.60 28.97
N ILE H 86 0.73 -2.45 30.26
CA ILE H 86 0.42 -1.18 30.88
C ILE H 86 1.62 -0.72 31.71
N HIS H 87 1.91 0.58 31.67
CA HIS H 87 3.06 1.10 32.37
C HIS H 87 2.95 0.80 33.87
N PRO H 88 4.05 0.39 34.51
CA PRO H 88 3.95 -0.05 35.91
C PRO H 88 3.73 1.09 36.90
N ARG H 89 4.14 2.32 36.58
CA ARG H 89 3.98 3.46 37.48
C ARG H 89 2.80 4.35 37.09
N TYR H 90 1.78 3.77 36.46
CA TYR H 90 0.60 4.51 36.04
C TYR H 90 -0.25 4.84 37.26
N ASN H 91 -0.48 6.13 37.50
CA ASN H 91 -1.16 6.62 38.70
C ASN H 91 -2.58 7.05 38.36
N TRP H 92 -3.48 6.07 38.25
CA TRP H 92 -4.89 6.38 38.10
C TRP H 92 -5.46 7.00 39.37
N ARG H 93 -4.82 6.72 40.51
CA ARG H 93 -5.31 7.19 41.80
C ARG H 93 -5.26 8.71 41.90
N GLU H 94 -4.10 9.28 41.60
CA GLU H 94 -3.88 10.72 41.77
C GLU H 94 -4.23 11.50 40.51
N ASN H 95 -3.34 11.47 39.51
CA ASN H 95 -3.38 12.44 38.42
C ASN H 95 -3.29 11.82 37.04
N LEU H 96 -3.50 10.51 36.90
CA LEU H 96 -3.34 9.81 35.62
C LEU H 96 -1.93 9.95 35.06
N ASP H 97 -0.95 10.11 35.95
CA ASP H 97 0.43 10.26 35.52
C ASP H 97 0.93 8.98 34.87
N ARG H 98 1.67 9.14 33.77
CA ARG H 98 2.18 8.02 32.97
C ARG H 98 1.04 7.20 32.36
N ASP H 99 0.04 7.91 31.82
CA ASP H 99 -1.06 7.32 31.07
C ASP H 99 -0.59 6.75 29.74
N ILE H 100 -0.20 5.48 29.71
CA ILE H 100 0.37 4.90 28.50
C ILE H 100 0.33 3.38 28.61
N ALA H 101 0.10 2.73 27.47
CA ALA H 101 0.09 1.27 27.39
C ALA H 101 0.44 0.85 25.96
N LEU H 102 0.98 -0.35 25.85
CA LEU H 102 1.31 -0.96 24.56
C LEU H 102 0.48 -2.22 24.33
N MET H 103 0.13 -2.48 23.07
CA MET H 103 -0.67 -3.63 22.71
C MET H 103 0.00 -4.32 21.53
N LYS H 104 0.31 -5.61 21.68
CA LYS H 104 0.92 -6.39 20.62
C LYS H 104 -0.15 -7.12 19.83
N LEU H 105 -0.12 -6.96 18.51
CA LEU H 105 -1.07 -7.65 17.65
C LEU H 105 -0.74 -9.14 17.59
N LYS H 106 -1.80 -9.96 17.51
CA LYS H 106 -1.62 -11.42 17.45
C LYS H 106 -0.70 -11.82 16.31
N LYS H 107 -0.83 -11.16 15.17
CA LYS H 107 -0.01 -11.40 13.99
C LYS H 107 0.42 -10.04 13.43
N PRO H 108 1.46 -10.00 12.60
CA PRO H 108 1.84 -8.74 11.97
C PRO H 108 0.74 -8.20 11.07
N VAL H 109 0.79 -6.88 10.85
CA VAL H 109 -0.16 -6.19 10.00
C VAL H 109 0.57 -5.68 8.77
N ALA H 110 -0.04 -5.84 7.60
CA ALA H 110 0.53 -5.38 6.34
C ALA H 110 0.04 -3.98 6.03
N PHE H 111 0.96 -3.13 5.56
CA PHE H 111 0.64 -1.74 5.33
C PHE H 111 -0.10 -1.55 4.00
N SER H 112 -0.62 -0.35 3.80
CA SER H 112 -1.44 -0.01 2.65
C SER H 112 -1.43 1.51 2.51
N ASP H 113 -2.30 2.02 1.62
CA ASP H 113 -2.49 3.47 1.52
C ASP H 113 -3.26 4.02 2.70
N TYR H 114 -3.82 3.17 3.54
CA TYR H 114 -4.62 3.55 4.69
C TYR H 114 -4.01 3.07 5.99
N ILE H 115 -2.98 2.23 5.92
CA ILE H 115 -2.31 1.64 7.06
C ILE H 115 -0.83 1.93 6.91
N HIS H 116 -0.30 2.83 7.74
CA HIS H 116 1.12 3.11 7.76
C HIS H 116 1.48 3.58 9.16
N PRO H 117 2.62 3.17 9.70
CA PRO H 117 2.96 3.55 11.07
C PRO H 117 3.53 4.96 11.14
N VAL H 118 3.42 5.54 12.33
CA VAL H 118 3.98 6.85 12.62
C VAL H 118 5.39 6.63 13.16
N CYS H 119 6.18 7.70 13.25
CA CYS H 119 7.51 7.64 13.85
C CYS H 119 7.45 8.11 15.29
N LEU H 120 8.28 7.49 16.15
CA LEU H 120 8.39 8.07 17.49
C LEU H 120 9.51 9.09 17.52
N PRO H 121 9.39 10.12 18.35
CA PRO H 121 10.44 11.15 18.40
C PRO H 121 11.70 10.66 19.09
N ASP H 122 12.82 11.26 18.70
CA ASP H 122 14.09 11.08 19.39
C ASP H 122 14.30 12.27 20.32
N ARG H 123 15.49 12.36 20.91
CA ARG H 123 15.80 13.50 21.78
C ARG H 123 15.77 14.80 20.99
N GLU H 124 16.36 14.80 19.79
CA GLU H 124 16.42 16.02 18.98
C GLU H 124 15.02 16.54 18.66
N THR H 125 14.21 15.71 18.01
CA THR H 125 12.91 16.16 17.53
C THR H 125 11.98 16.51 18.68
N ALA H 126 12.13 15.83 19.81
CA ALA H 126 11.30 16.14 20.98
C ALA H 126 11.49 17.59 21.41
N ALA H 127 12.74 18.04 21.51
CA ALA H 127 13.00 19.38 21.99
C ALA H 127 12.77 20.43 20.90
N SER H 128 13.11 20.10 19.66
CA SER H 128 12.94 21.05 18.56
C SER H 128 11.47 21.43 18.39
N LEU H 129 10.56 20.51 18.67
CA LEU H 129 9.15 20.68 18.34
C LEU H 129 8.24 20.90 19.53
N LEU H 130 8.55 20.32 20.69
CA LEU H 130 7.67 20.41 21.86
C LEU H 130 7.86 21.76 22.55
N GLN H 131 7.30 22.80 21.93
CA GLN H 131 7.45 24.16 22.43
C GLN H 131 6.15 24.91 22.18
N ALA H 132 5.83 25.81 23.11
CA ALA H 132 4.55 26.50 23.12
C ALA H 132 4.27 27.19 21.79
N GLY H 133 3.03 27.09 21.34
CA GLY H 133 2.60 27.72 20.11
C GLY H 133 2.80 26.88 18.86
N TYR H 134 3.82 26.03 18.83
CA TYR H 134 3.93 25.04 17.78
C TYR H 134 2.70 24.14 17.84
N LYS H 135 2.09 23.91 16.68
CA LYS H 135 0.83 23.18 16.65
C LYS H 135 1.04 21.72 16.32
N GLY H 136 0.19 20.88 16.90
CA GLY H 136 0.13 19.47 16.59
C GLY H 136 -1.25 19.08 16.12
N ARG H 137 -1.49 17.80 15.96
CA ARG H 137 -2.74 17.31 15.37
C ARG H 137 -3.36 16.23 16.23
N VAL H 138 -4.68 16.28 16.35
CA VAL H 138 -5.45 15.29 17.10
C VAL H 138 -6.52 14.72 16.18
N THR H 139 -6.59 13.40 16.10
CA THR H 139 -7.54 12.71 15.25
C THR H 139 -8.31 11.68 16.07
N GLY H 140 -9.62 11.61 15.86
CA GLY H 140 -10.44 10.63 16.57
C GLY H 140 -11.86 10.61 16.05
N TRP H 141 -12.54 9.51 16.38
CA TRP H 141 -13.95 9.32 16.06
C TRP H 141 -14.86 9.74 17.23
N GLY H 142 -14.36 10.57 18.13
CA GLY H 142 -15.07 10.88 19.35
C GLY H 142 -16.20 11.86 19.16
N ASN H 143 -16.87 12.17 20.27
CA ASN H 143 -18.04 13.04 20.24
C ASN H 143 -17.64 14.48 19.95
N LEU H 144 -18.52 15.20 19.28
CA LEU H 144 -18.24 16.52 18.72
C LEU H 144 -18.52 17.66 19.71
N LYS H 145 -19.06 17.35 20.88
CA LYS H 145 -19.46 18.36 21.84
C LYS H 145 -19.55 17.70 23.21
N GLU H 146 -19.34 18.49 24.26
CA GLU H 146 -19.25 17.91 25.60
C GLU H 146 -20.59 17.33 26.04
N THR H 147 -21.68 18.04 25.80
CA THR H 147 -23.05 17.56 26.04
C THR H 147 -24.01 18.17 25.02
N GLY H 155 -23.87 13.95 19.91
CA GLY H 155 -23.40 14.12 18.54
C GLY H 155 -22.14 13.33 18.27
N GLN H 156 -22.17 12.50 17.23
CA GLN H 156 -21.05 11.64 16.89
C GLN H 156 -20.79 11.69 15.39
N PRO H 157 -19.52 11.68 14.98
CA PRO H 157 -19.21 11.94 13.57
C PRO H 157 -19.29 10.70 12.71
N SER H 158 -19.67 10.91 11.45
CA SER H 158 -19.70 9.82 10.49
C SER H 158 -18.30 9.30 10.21
N VAL H 159 -17.35 10.21 9.97
CA VAL H 159 -16.00 9.80 9.60
C VAL H 159 -15.00 10.34 10.62
N LEU H 160 -13.71 10.08 10.36
CA LEU H 160 -12.64 10.53 11.24
C LEU H 160 -12.60 12.06 11.29
N GLN H 161 -12.31 12.59 12.48
CA GLN H 161 -12.21 14.02 12.71
C GLN H 161 -10.76 14.42 12.92
N VAL H 162 -10.45 15.68 12.64
CA VAL H 162 -9.09 16.19 12.76
C VAL H 162 -9.13 17.65 13.22
N VAL H 163 -8.20 17.99 14.11
CA VAL H 163 -8.05 19.35 14.61
C VAL H 163 -6.57 19.64 14.81
N ASN H 164 -6.20 20.91 14.66
CA ASN H 164 -4.85 21.39 14.96
C ASN H 164 -4.92 22.34 16.14
N LEU H 165 -4.04 22.13 17.12
CA LEU H 165 -4.08 22.83 18.39
C LEU H 165 -2.67 23.22 18.84
N PRO H 166 -2.52 24.37 19.47
CA PRO H 166 -1.18 24.81 19.89
C PRO H 166 -0.79 24.25 21.25
N ILE H 167 0.49 23.93 21.40
CA ILE H 167 1.02 23.50 22.68
C ILE H 167 1.02 24.69 23.64
N VAL H 168 0.59 24.45 24.88
CA VAL H 168 0.37 25.53 25.84
C VAL H 168 1.47 25.50 26.89
N GLU H 169 1.78 26.68 27.43
CA GLU H 169 2.90 26.85 28.33
C GLU H 169 2.61 26.20 29.68
N ARG H 170 3.66 25.60 30.27
CA ARG H 170 3.50 24.87 31.52
C ARG H 170 2.82 25.68 32.63
N PRO H 171 3.17 26.94 32.88
CA PRO H 171 2.39 27.70 33.88
C PRO H 171 0.91 27.75 33.58
N VAL H 172 0.53 28.02 32.33
CA VAL H 172 -0.88 28.11 31.99
C VAL H 172 -1.56 26.76 32.15
N CYS H 173 -0.85 25.67 31.88
CA CYS H 173 -1.41 24.34 32.05
C CYS H 173 -1.67 24.05 33.53
N LYS H 174 -0.69 24.38 34.39
CA LYS H 174 -0.81 24.09 35.81
C LYS H 174 -1.97 24.85 36.45
N ASP H 175 -2.16 26.10 36.05
CA ASP H 175 -3.25 26.91 36.59
C ASP H 175 -4.59 26.62 35.92
N SER H 176 -4.62 25.74 34.93
CA SER H 176 -5.88 25.38 34.27
C SER H 176 -6.64 24.29 35.01
N THR H 177 -6.02 23.64 35.98
CA THR H 177 -6.64 22.50 36.66
C THR H 177 -6.21 22.49 38.12
N ARG H 178 -7.09 21.99 38.98
CA ARG H 178 -6.72 21.71 40.36
C ARG H 178 -5.92 20.41 40.48
N ILE H 179 -5.82 19.64 39.40
CA ILE H 179 -5.02 18.42 39.40
C ILE H 179 -3.54 18.79 39.38
N ARG H 180 -2.74 18.04 40.14
CA ARG H 180 -1.29 18.12 39.99
C ARG H 180 -0.88 17.49 38.67
N ILE H 181 -0.21 18.27 37.82
CA ILE H 181 0.25 17.79 36.52
C ILE H 181 1.75 17.57 36.60
N THR H 182 2.21 16.49 35.97
CA THR H 182 3.58 16.02 36.05
C THR H 182 4.30 16.24 34.72
N ASP H 183 5.62 16.05 34.75
CA ASP H 183 6.44 16.25 33.56
C ASP H 183 6.26 15.14 32.51
N ASN H 184 5.52 14.08 32.84
CA ASN H 184 5.10 13.10 31.84
C ASN H 184 3.78 13.49 31.20
N MET H 185 3.42 14.77 31.25
CA MET H 185 2.25 15.32 30.61
C MET H 185 2.63 16.62 29.90
N PHE H 186 1.73 17.07 29.04
CA PHE H 186 1.72 18.44 28.55
C PHE H 186 0.32 18.72 28.05
N CYS H 187 -0.05 20.00 28.04
CA CYS H 187 -1.39 20.40 27.67
C CYS H 187 -1.35 21.28 26.43
N ALA H 188 -2.42 21.22 25.64
CA ALA H 188 -2.49 21.90 24.37
C ALA H 188 -3.91 22.37 24.11
N GLY H 189 -4.03 23.43 23.35
CA GLY H 189 -5.32 24.03 23.07
C GLY H 189 -5.19 25.54 22.97
N TYR H 190 -6.30 26.17 22.62
CA TYR H 190 -6.32 27.62 22.47
C TYR H 190 -6.70 28.29 23.78
N LYS H 191 -6.06 29.42 24.04
CA LYS H 191 -6.40 30.21 25.21
C LYS H 191 -7.76 30.86 25.00
N PRO H 192 -8.47 31.18 26.09
CA PRO H 192 -9.81 31.77 25.93
C PRO H 192 -9.80 33.05 25.14
N ASP H 193 -8.72 33.81 25.21
CA ASP H 193 -8.63 35.05 24.46
C ASP H 193 -8.26 34.83 23.00
N GLU H 194 -7.67 33.68 22.66
CA GLU H 194 -7.31 33.40 21.27
C GLU H 194 -8.51 33.10 20.37
N GLY H 195 -9.74 33.17 20.88
CA GLY H 195 -10.92 33.15 20.04
C GLY H 195 -11.22 31.82 19.38
N LYS H 196 -10.23 31.22 18.71
CA LYS H 196 -10.44 29.93 18.07
C LYS H 196 -10.65 28.85 19.13
N ARG H 197 -11.42 27.84 18.76
CA ARG H 197 -11.82 26.77 19.67
C ARG H 197 -11.19 25.45 19.23
N GLY H 198 -11.45 24.39 19.99
CA GLY H 198 -11.01 23.07 19.62
C GLY H 198 -10.41 22.23 20.72
N ASP H 199 -10.87 20.99 20.85
CA ASP H 199 -10.37 20.07 21.86
C ASP H 199 -10.80 18.64 21.50
N ALA H 200 -10.23 17.68 22.22
CA ALA H 200 -10.66 16.29 22.14
C ALA H 200 -11.79 16.06 23.15
N CYS H 201 -12.61 15.06 22.87
CA CYS H 201 -13.79 14.80 23.69
C CYS H 201 -13.87 13.30 23.97
N GLU H 202 -15.05 12.83 24.39
CA GLU H 202 -15.23 11.44 24.81
C GLU H 202 -15.06 10.51 23.61
N GLY H 203 -14.15 9.54 23.74
CA GLY H 203 -13.81 8.62 22.68
C GLY H 203 -12.52 8.94 21.98
N ASP H 204 -12.07 10.20 22.01
CA ASP H 204 -10.80 10.58 21.42
C ASP H 204 -9.62 10.16 22.28
N SER H 205 -9.86 9.72 23.51
CA SER H 205 -8.78 9.33 24.41
C SER H 205 -7.95 8.21 23.81
N GLY H 206 -6.68 8.17 24.20
CA GLY H 206 -5.75 7.18 23.69
C GLY H 206 -5.25 7.42 22.28
N GLY H 207 -5.77 8.43 21.59
CA GLY H 207 -5.39 8.69 20.22
C GLY H 207 -4.09 9.45 20.09
N PRO H 208 -3.52 9.47 18.89
CA PRO H 208 -2.21 10.11 18.71
C PRO H 208 -2.32 11.63 18.66
N PHE H 209 -1.31 12.28 19.23
CA PHE H 209 -1.05 13.70 19.02
C PHE H 209 0.22 13.76 18.18
N VAL H 210 0.06 14.04 16.89
CA VAL H 210 1.17 13.98 15.94
C VAL H 210 1.52 15.39 15.48
N MET H 211 2.82 15.64 15.35
CA MET H 211 3.37 16.83 14.74
C MET H 211 4.04 16.45 13.43
N LYS H 212 4.30 17.46 12.59
CA LYS H 212 5.04 17.26 11.35
C LYS H 212 6.38 17.98 11.46
N SER H 213 7.45 17.25 11.23
CA SER H 213 8.80 17.80 11.41
C SER H 213 9.15 18.73 10.25
N PRO H 214 9.67 19.93 10.53
CA PRO H 214 10.16 20.79 9.44
C PRO H 214 11.52 20.37 8.92
N PHE H 215 12.22 19.49 9.63
CA PHE H 215 13.53 19.01 9.18
C PHE H 215 13.37 17.85 8.20
N ASN H 216 12.87 16.71 8.68
CA ASN H 216 12.80 15.50 7.87
C ASN H 216 11.47 15.29 7.17
N ASN H 217 10.52 16.23 7.30
CA ASN H 217 9.23 16.15 6.61
C ASN H 217 8.51 14.85 6.91
N ARG H 218 8.52 14.45 8.18
CA ARG H 218 7.83 13.25 8.63
C ARG H 218 6.91 13.58 9.79
N TRP H 219 5.96 12.67 10.03
CA TRP H 219 5.05 12.81 11.15
C TRP H 219 5.60 12.03 12.35
N TYR H 220 5.56 12.68 13.51
CA TYR H 220 6.01 12.11 14.78
C TYR H 220 4.84 12.16 15.76
N GLN H 221 4.78 11.19 16.67
CA GLN H 221 3.74 11.17 17.69
C GLN H 221 4.32 11.69 19.00
N MET H 222 3.95 12.91 19.36
CA MET H 222 4.46 13.55 20.56
C MET H 222 3.55 13.34 21.78
N GLY H 223 2.29 12.96 21.58
CA GLY H 223 1.35 12.86 22.68
C GLY H 223 0.39 11.71 22.51
N ILE H 224 -0.31 11.42 23.60
CA ILE H 224 -1.45 10.50 23.64
C ILE H 224 -2.59 11.23 24.33
N VAL H 225 -3.75 11.27 23.67
CA VAL H 225 -4.90 11.99 24.21
C VAL H 225 -5.30 11.35 25.54
N SER H 226 -4.88 11.97 26.64
CA SER H 226 -5.02 11.36 27.96
C SER H 226 -6.29 11.78 28.68
N TRP H 227 -6.37 13.06 29.06
CA TRP H 227 -7.53 13.51 29.87
C TRP H 227 -7.83 14.98 29.69
N GLY H 228 -9.01 15.39 30.15
CA GLY H 228 -9.44 16.79 30.02
C GLY H 228 -10.65 17.06 30.89
N GLU H 229 -10.65 18.18 31.59
CA GLU H 229 -11.78 18.53 32.50
C GLU H 229 -12.93 19.04 31.65
N GLY H 230 -13.56 18.13 30.89
CA GLY H 230 -14.70 18.51 30.04
C GLY H 230 -14.31 18.46 28.58
N CYS H 231 -14.95 19.29 27.76
CA CYS H 231 -14.59 19.36 26.33
C CYS H 231 -14.65 20.83 25.87
N ASP H 232 -13.58 21.31 25.26
CA ASP H 232 -13.50 22.68 24.74
C ASP H 232 -14.06 23.68 25.75
N ARG H 233 -13.45 23.68 26.93
CA ARG H 233 -13.84 24.59 28.00
C ARG H 233 -12.89 25.77 28.03
N ASP H 234 -13.44 26.96 28.26
CA ASP H 234 -12.60 28.14 28.41
C ASP H 234 -11.72 27.99 29.64
N GLY H 235 -10.45 28.38 29.50
CA GLY H 235 -9.47 28.18 30.54
C GLY H 235 -9.05 26.74 30.74
N LYS H 236 -9.55 25.81 29.94
CA LYS H 236 -9.22 24.40 30.08
C LYS H 236 -8.56 23.89 28.80
N TYR H 237 -7.64 22.94 28.99
CA TYR H 237 -6.85 22.40 27.91
C TYR H 237 -6.77 20.88 28.06
N GLY H 238 -6.72 20.19 26.93
CA GLY H 238 -6.50 18.77 26.96
C GLY H 238 -5.08 18.45 27.36
N PHE H 239 -4.91 17.35 28.09
CA PHE H 239 -3.61 16.93 28.59
C PHE H 239 -3.18 15.66 27.88
N TYR H 240 -1.96 15.66 27.37
CA TYR H 240 -1.46 14.62 26.48
C TYR H 240 -0.20 14.01 27.07
N THR H 241 -0.07 12.70 26.91
CA THR H 241 1.07 11.98 27.46
C THR H 241 2.35 12.37 26.71
N HIS H 242 3.27 13.01 27.42
CA HIS H 242 4.59 13.28 26.86
C HIS H 242 5.22 11.97 26.42
N VAL H 243 5.22 11.70 25.12
CA VAL H 243 5.64 10.40 24.62
C VAL H 243 7.13 10.20 24.82
N PHE H 244 7.94 11.20 24.45
CA PHE H 244 9.39 11.00 24.44
C PHE H 244 9.92 10.76 25.85
N ARG H 245 9.31 11.37 26.87
CA ARG H 245 9.78 11.16 28.23
C ARG H 245 9.55 9.74 28.73
N LEU H 246 8.63 9.00 28.11
CA LEU H 246 8.38 7.61 28.47
C LEU H 246 8.85 6.63 27.39
N LYS H 247 9.53 7.11 26.36
CA LYS H 247 10.03 6.25 25.29
C LYS H 247 10.93 5.13 25.82
N LYS H 248 11.47 5.29 27.03
CA LYS H 248 12.37 4.27 27.59
C LYS H 248 11.60 2.99 27.90
N TRP H 249 10.51 3.11 28.65
CA TRP H 249 9.61 1.97 28.88
C TRP H 249 9.12 1.38 27.57
N ILE H 250 8.89 2.22 26.57
CA ILE H 250 8.33 1.75 25.31
C ILE H 250 9.30 0.81 24.61
N GLN H 251 10.57 1.18 24.52
CA GLN H 251 11.53 0.29 23.87
C GLN H 251 11.90 -0.89 24.75
N LYS H 252 11.76 -0.79 26.08
CA LYS H 252 11.98 -1.94 26.93
C LYS H 252 10.95 -3.02 26.65
N VAL H 253 9.67 -2.65 26.59
CA VAL H 253 8.62 -3.63 26.30
C VAL H 253 8.83 -4.24 24.91
N ILE H 254 9.15 -3.40 23.93
CA ILE H 254 9.26 -3.88 22.55
C ILE H 254 10.54 -4.67 22.33
N ASP H 255 11.63 -4.31 23.01
CA ASP H 255 12.86 -5.09 22.89
C ASP H 255 12.70 -6.46 23.56
N GLN H 256 12.07 -6.49 24.73
CA GLN H 256 11.90 -7.72 25.49
C GLN H 256 10.90 -8.66 24.83
N PHE H 257 9.62 -8.28 24.82
CA PHE H 257 8.57 -9.18 24.36
C PHE H 257 8.51 -9.29 22.84
N GLY H 258 8.95 -8.25 22.13
CA GLY H 258 9.10 -8.34 20.69
C GLY H 258 10.44 -8.93 20.30
#